data_5UIL
#
_entry.id   5UIL
#
_cell.length_a   68.671
_cell.length_b   72.812
_cell.length_c   191.738
_cell.angle_alpha   90.00
_cell.angle_beta   90.00
_cell.angle_gamma   90.00
#
_symmetry.space_group_name_H-M   'P 21 21 21'
#
loop_
_entity.id
_entity.type
_entity.pdbx_description
1 polymer Formyltransferase
2 non-polymer 'N-[4-({[(6R)-2-amino-4-oxo-3,4,5,6,7,8-hexahydropteridin-6-yl]methyl}amino)benzoyl]-L-glutamic acid'
3 non-polymer '(3R,4S,5R,6R)-4-amino-3,5-dihydroxy-6-methyloxan-2-yl][hydroxy-[[(2R,3S,5R)-3-hydroxy-5-(5-methyl-2,4-dioxopyrimidin-1-yl)oxolan-2-yl]methoxy]phosphoryl] hydrogen phosphate'
4 non-polymer 'SODIUM ION'
5 water water
#
_entity_poly.entity_id   1
_entity_poly.type   'polypeptide(L)'
_entity_poly.pdbx_seq_one_letter_code
;GGGGGGHMKIIIAGKNDIAVNVTRWLQKKKKNIEIYAICNANDTGIDTFQRSFKKYCKDNLIPIISLAEAYKIDDAIFLS
LEFDKIVQPSKFNHNELFNIHFSYLPKYKGMYTSAWPILNGEDTSGVTLHKIDHGIDTGAIIAQKEIIIQPFETAKDLYE
KYISEGTSLVIDNISTLLNSEYVEKEQNIKYSSYYSKKTIDYSNLELNFSKTAFEIINQLRAFTFREYQLPKLDGVNIFL
GDVLSSRSIMKPGSILERNDKEIIVSTIDYDVVLYKDNFKEILEACKYSDSKYIAKLIRAKSILFEKNIYGWSPVIVAAY
HGNIELIKWLVSKGANINDRNYKGTTVAMYFKDYMLKSGDYSGLKMLIDLGLDLTLTDYKDYTVFDYLEKSGNKNLLQYM
MAFMK
;
_entity_poly.pdbx_strand_id   A,B
#
# COMPACT_ATOMS: atom_id res chain seq x y z
N HIS A 7 38.35 -25.16 -10.20
CA HIS A 7 38.37 -24.11 -11.27
C HIS A 7 37.01 -23.77 -11.86
N MET A 8 35.98 -23.56 -11.01
CA MET A 8 34.69 -22.94 -11.41
CA MET A 8 34.71 -22.97 -11.51
C MET A 8 34.96 -21.48 -11.77
N LYS A 9 34.00 -20.81 -12.39
CA LYS A 9 34.15 -19.38 -12.72
C LYS A 9 32.93 -18.58 -12.27
N ILE A 10 33.14 -17.36 -11.77
CA ILE A 10 32.01 -16.50 -11.41
C ILE A 10 32.17 -15.12 -11.98
N ILE A 11 31.07 -14.60 -12.53
CA ILE A 11 30.96 -13.19 -12.93
C ILE A 11 30.14 -12.45 -11.84
N ILE A 12 30.75 -11.45 -11.19
CA ILE A 12 30.09 -10.59 -10.19
C ILE A 12 29.83 -9.27 -10.88
N ALA A 13 28.55 -8.92 -11.00
CA ALA A 13 28.14 -7.71 -11.70
C ALA A 13 27.36 -6.86 -10.73
N GLY A 14 27.83 -5.64 -10.47
CA GLY A 14 27.14 -4.81 -9.50
C GLY A 14 28.02 -3.77 -8.88
N LYS A 15 27.67 -3.36 -7.66
CA LYS A 15 28.31 -2.24 -7.00
C LYS A 15 28.28 -2.37 -5.48
N ASN A 16 28.93 -1.42 -4.84
CA ASN A 16 28.70 -1.13 -3.46
C ASN A 16 29.24 -2.23 -2.53
N ASP A 17 29.05 -2.03 -1.23
CA ASP A 17 29.64 -2.93 -0.25
C ASP A 17 29.18 -4.36 -0.46
N ILE A 18 28.02 -4.57 -1.06
CA ILE A 18 27.58 -5.94 -1.27
C ILE A 18 28.48 -6.66 -2.29
N ALA A 19 28.84 -5.95 -3.36
CA ALA A 19 29.67 -6.54 -4.40
C ALA A 19 31.08 -6.73 -3.89
N VAL A 20 31.57 -5.76 -3.15
CA VAL A 20 32.92 -5.77 -2.69
C VAL A 20 33.02 -6.91 -1.66
N ASN A 21 32.04 -7.04 -0.76
CA ASN A 21 32.16 -7.99 0.34
C ASN A 21 31.94 -9.41 -0.08
N VAL A 22 31.05 -9.63 -1.03
CA VAL A 22 30.90 -10.97 -1.59
C VAL A 22 32.20 -11.36 -2.29
N THR A 23 32.75 -10.46 -3.07
CA THR A 23 33.98 -10.72 -3.76
C THR A 23 35.09 -11.09 -2.77
N ARG A 24 35.14 -10.49 -1.58
CA ARG A 24 36.27 -10.81 -0.73
C ARG A 24 36.06 -12.06 0.05
N TRP A 25 34.85 -12.30 0.48
CA TRP A 25 34.54 -13.64 0.90
C TRP A 25 35.01 -14.70 -0.12
N LEU A 26 34.75 -14.50 -1.42
CA LEU A 26 35.20 -15.45 -2.47
C LEU A 26 36.71 -15.60 -2.51
N GLN A 27 37.41 -14.47 -2.50
CA GLN A 27 38.84 -14.45 -2.46
C GLN A 27 39.39 -15.02 -1.17
N LYS A 28 38.70 -14.85 -0.04
CA LYS A 28 39.21 -15.44 1.19
C LYS A 28 39.02 -16.96 1.24
N LYS A 29 37.85 -17.43 0.79
CA LYS A 29 37.39 -18.77 1.11
C LYS A 29 37.32 -19.73 -0.10
N LYS A 30 37.70 -19.27 -1.28
CA LYS A 30 37.50 -20.02 -2.51
C LYS A 30 38.60 -19.55 -3.48
N LYS A 31 39.86 -19.74 -3.10
CA LYS A 31 40.97 -19.04 -3.74
C LYS A 31 41.33 -19.56 -5.14
N ASN A 32 40.70 -20.65 -5.54
CA ASN A 32 40.96 -21.22 -6.86
C ASN A 32 39.86 -20.92 -7.87
N ILE A 33 38.89 -20.08 -7.51
CA ILE A 33 37.89 -19.57 -8.45
C ILE A 33 38.48 -18.47 -9.32
N GLU A 34 38.01 -18.40 -10.55
CA GLU A 34 38.29 -17.33 -11.51
C GLU A 34 37.14 -16.32 -11.37
N ILE A 35 37.45 -15.10 -10.94
CA ILE A 35 36.42 -14.08 -10.74
C ILE A 35 36.54 -13.05 -11.85
N TYR A 36 35.39 -12.74 -12.46
CA TYR A 36 35.29 -11.64 -13.46
C TYR A 36 34.24 -10.65 -12.99
N ALA A 37 34.41 -9.38 -13.34
CA ALA A 37 33.58 -8.33 -12.79
C ALA A 37 32.94 -7.45 -13.85
N ILE A 38 31.70 -7.05 -13.62
CA ILE A 38 31.09 -5.96 -14.39
C ILE A 38 30.68 -4.86 -13.40
N CYS A 39 30.90 -3.65 -13.84
CA CYS A 39 30.77 -2.48 -13.03
C CYS A 39 29.60 -1.70 -13.57
N ASN A 40 28.91 -1.02 -12.65
CA ASN A 40 27.80 -0.16 -12.98
C ASN A 40 28.38 1.03 -13.70
N ALA A 41 27.54 1.61 -14.56
CA ALA A 41 27.93 2.81 -15.31
C ALA A 41 28.35 3.99 -14.44
N ASN A 42 27.70 4.19 -13.32
CA ASN A 42 27.97 5.37 -12.49
C ASN A 42 28.96 5.11 -11.35
N ASP A 43 29.54 3.90 -11.31
CA ASP A 43 30.69 3.64 -10.44
C ASP A 43 31.92 4.47 -10.86
N THR A 44 32.30 5.43 -10.01
CA THR A 44 33.34 6.43 -10.33
C THR A 44 34.78 5.97 -10.10
N GLY A 45 34.98 4.83 -9.44
CA GLY A 45 36.33 4.40 -9.02
C GLY A 45 36.84 5.03 -7.73
N ILE A 46 35.96 5.80 -7.10
CA ILE A 46 36.28 6.52 -5.89
C ILE A 46 35.34 5.98 -4.83
N ASP A 47 35.87 5.51 -3.71
CA ASP A 47 35.05 5.11 -2.57
C ASP A 47 34.24 6.30 -2.09
N THR A 48 32.96 6.06 -1.82
CA THR A 48 32.05 7.09 -1.30
C THR A 48 31.45 6.49 -0.02
N PHE A 49 30.19 6.86 0.30
CA PHE A 49 29.48 6.22 1.39
C PHE A 49 29.38 4.69 1.23
N GLN A 50 29.35 4.22 -0.01
CA GLN A 50 29.66 2.84 -0.33
C GLN A 50 31.02 2.75 -1.00
N ARG A 51 31.63 1.59 -0.84
CA ARG A 51 32.88 1.29 -1.52
C ARG A 51 32.64 1.21 -3.02
N SER A 52 33.63 1.65 -3.79
CA SER A 52 33.58 1.48 -5.25
C SER A 52 33.99 0.05 -5.57
N PHE A 53 33.15 -0.67 -6.28
CA PHE A 53 33.47 -2.04 -6.65
C PHE A 53 34.53 -2.05 -7.74
N LYS A 54 34.50 -1.04 -8.61
CA LYS A 54 35.49 -0.89 -9.67
C LYS A 54 36.88 -0.72 -9.07
N LYS A 55 37.00 0.12 -8.06
CA LYS A 55 38.29 0.31 -7.41
C LYS A 55 38.77 -0.99 -6.79
N TYR A 56 37.92 -1.61 -5.99
CA TYR A 56 38.31 -2.83 -5.33
C TYR A 56 38.91 -3.76 -6.36
N CYS A 57 38.25 -3.90 -7.51
CA CYS A 57 38.68 -4.83 -8.54
C CYS A 57 40.03 -4.41 -9.18
N LYS A 58 40.20 -3.14 -9.51
CA LYS A 58 41.51 -2.63 -10.01
C LYS A 58 42.67 -2.81 -9.04
N ASP A 59 42.35 -2.77 -7.75
CA ASP A 59 43.32 -2.84 -6.68
C ASP A 59 43.57 -4.26 -6.25
N ASN A 60 42.89 -5.21 -6.85
CA ASN A 60 43.05 -6.61 -6.46
C ASN A 60 43.18 -7.51 -7.68
N LEU A 61 43.68 -6.89 -8.76
CA LEU A 61 43.87 -7.56 -10.05
C LEU A 61 42.67 -8.50 -10.31
N ILE A 62 41.49 -7.90 -10.46
CA ILE A 62 40.29 -8.63 -10.86
C ILE A 62 39.93 -8.05 -12.21
N PRO A 63 39.77 -8.93 -13.21
CA PRO A 63 39.44 -8.48 -14.56
C PRO A 63 38.05 -7.88 -14.56
N ILE A 64 37.95 -6.73 -15.19
CA ILE A 64 36.68 -6.08 -15.42
C ILE A 64 36.40 -6.42 -16.87
N ILE A 65 35.18 -6.88 -17.14
CA ILE A 65 34.68 -7.17 -18.50
C ILE A 65 33.37 -6.44 -18.85
N SER A 66 33.00 -6.51 -20.12
CA SER A 66 31.72 -6.02 -20.59
C SER A 66 30.66 -7.10 -20.36
N LEU A 67 29.42 -6.69 -20.44
CA LEU A 67 28.34 -7.64 -20.43
C LEU A 67 28.41 -8.56 -21.68
N ALA A 68 28.88 -8.04 -22.81
CA ALA A 68 28.92 -8.90 -24.01
C ALA A 68 29.98 -9.97 -23.81
N GLU A 69 31.11 -9.60 -23.18
CA GLU A 69 32.11 -10.61 -22.82
C GLU A 69 31.48 -11.65 -21.92
N ALA A 70 30.79 -11.19 -20.90
CA ALA A 70 30.22 -12.08 -19.93
C ALA A 70 29.30 -13.12 -20.58
N TYR A 71 28.47 -12.65 -21.53
CA TYR A 71 27.56 -13.51 -22.29
C TYR A 71 28.27 -14.73 -22.89
N LYS A 72 29.52 -14.55 -23.30
CA LYS A 72 30.29 -15.60 -24.00
C LYS A 72 30.94 -16.63 -23.08
N ILE A 73 31.37 -16.21 -21.89
CA ILE A 73 32.06 -17.11 -20.95
C ILE A 73 31.22 -18.35 -20.58
N ASP A 74 31.88 -19.51 -20.58
CA ASP A 74 31.19 -20.80 -20.48
C ASP A 74 31.67 -21.42 -19.17
N ASP A 75 30.81 -22.25 -18.58
CA ASP A 75 31.08 -22.85 -17.28
C ASP A 75 31.33 -21.75 -16.22
N ALA A 76 30.57 -20.65 -16.35
CA ALA A 76 30.57 -19.58 -15.35
C ALA A 76 29.17 -19.39 -14.77
N ILE A 77 29.13 -19.15 -13.47
CA ILE A 77 27.93 -18.68 -12.78
C ILE A 77 27.94 -17.14 -12.89
N PHE A 78 26.75 -16.54 -12.95
CA PHE A 78 26.56 -15.09 -13.10
C PHE A 78 25.74 -14.52 -11.94
N LEU A 79 26.38 -13.69 -11.13
CA LEU A 79 25.74 -13.15 -9.94
C LEU A 79 25.68 -11.64 -9.99
N SER A 80 24.46 -11.15 -9.89
CA SER A 80 24.17 -9.74 -9.94
C SER A 80 23.96 -9.29 -8.52
N LEU A 81 24.70 -8.27 -8.14
CA LEU A 81 24.54 -7.64 -6.86
C LEU A 81 24.35 -6.15 -7.12
N GLU A 82 23.08 -5.72 -7.28
CA GLU A 82 22.75 -4.31 -7.54
C GLU A 82 23.31 -3.78 -8.83
N PHE A 83 23.42 -4.67 -9.80
CA PHE A 83 23.75 -4.34 -11.18
C PHE A 83 22.72 -3.41 -11.81
N ASP A 84 23.21 -2.48 -12.64
CA ASP A 84 22.35 -1.46 -13.28
C ASP A 84 21.70 -1.89 -14.59
N LYS A 85 21.91 -3.12 -15.06
CA LYS A 85 21.38 -3.56 -16.36
C LYS A 85 20.41 -4.75 -16.31
N ILE A 86 19.39 -4.64 -17.16
CA ILE A 86 18.43 -5.73 -17.38
C ILE A 86 19.18 -6.60 -18.34
N VAL A 87 19.40 -7.83 -17.92
CA VAL A 87 20.15 -8.80 -18.66
C VAL A 87 19.21 -9.47 -19.66
N GLN A 88 19.76 -9.97 -20.76
CA GLN A 88 19.05 -10.78 -21.74
C GLN A 88 19.49 -12.23 -21.58
N PRO A 89 18.72 -13.06 -20.84
CA PRO A 89 19.14 -14.41 -20.47
C PRO A 89 19.53 -15.34 -21.61
N SER A 90 18.83 -15.22 -22.73
CA SER A 90 19.00 -16.11 -23.90
C SER A 90 20.33 -15.84 -24.64
N LYS A 91 20.97 -14.71 -24.35
CA LYS A 91 22.30 -14.42 -24.82
C LYS A 91 23.35 -15.26 -24.14
N PHE A 92 23.01 -15.84 -23.00
CA PHE A 92 23.94 -16.70 -22.32
C PHE A 92 23.80 -18.11 -22.82
N ASN A 93 24.95 -18.73 -22.89
CA ASN A 93 25.17 -20.16 -22.96
C ASN A 93 24.35 -21.07 -22.06
N HIS A 94 23.97 -20.58 -20.88
CA HIS A 94 23.57 -21.41 -19.73
C HIS A 94 22.46 -20.70 -18.94
N ASN A 95 21.97 -21.33 -17.88
CA ASN A 95 20.89 -20.76 -17.11
C ASN A 95 21.22 -20.55 -15.62
N GLU A 96 22.48 -20.27 -15.34
CA GLU A 96 22.95 -20.13 -13.99
C GLU A 96 23.19 -18.65 -13.76
N LEU A 97 22.05 -17.94 -13.79
CA LEU A 97 21.99 -16.51 -13.69
C LEU A 97 21.24 -16.19 -12.39
N PHE A 98 21.85 -15.40 -11.51
CA PHE A 98 21.27 -15.09 -10.21
C PHE A 98 21.36 -13.63 -9.82
N ASN A 99 20.49 -13.23 -8.88
CA ASN A 99 20.36 -11.86 -8.42
C ASN A 99 19.93 -11.82 -6.95
N ILE A 100 20.55 -10.94 -6.17
CA ILE A 100 19.96 -10.47 -4.92
C ILE A 100 19.10 -9.26 -5.29
N HIS A 101 17.83 -9.36 -4.94
CA HIS A 101 16.91 -8.23 -4.93
C HIS A 101 16.51 -7.77 -3.53
N PHE A 102 16.53 -6.46 -3.30
CA PHE A 102 16.30 -5.87 -1.99
C PHE A 102 14.80 -5.67 -1.65
N SER A 103 14.05 -6.77 -1.67
CA SER A 103 12.67 -6.85 -1.14
C SER A 103 12.42 -8.29 -0.70
N TYR A 104 11.33 -8.53 0.04
CA TYR A 104 10.81 -9.88 0.21
C TYR A 104 9.85 -10.17 -0.98
N LEU A 105 10.42 -10.64 -2.09
CA LEU A 105 9.61 -11.02 -3.24
C LEU A 105 8.51 -12.03 -2.86
N PRO A 106 7.37 -11.96 -3.51
CA PRO A 106 7.17 -11.19 -4.76
C PRO A 106 6.80 -9.72 -4.64
N LYS A 107 6.68 -9.17 -3.44
CA LYS A 107 6.41 -7.75 -3.31
C LYS A 107 7.62 -6.93 -3.72
N TYR A 108 7.33 -5.73 -4.21
CA TYR A 108 8.32 -4.67 -4.40
C TYR A 108 9.40 -5.05 -5.40
N LYS A 109 8.95 -5.67 -6.51
CA LYS A 109 9.80 -5.81 -7.68
C LYS A 109 10.15 -4.41 -8.15
N GLY A 110 11.36 -4.26 -8.69
CA GLY A 110 11.73 -3.04 -9.37
C GLY A 110 12.47 -2.09 -8.45
N MET A 111 12.06 -0.82 -8.50
CA MET A 111 12.92 0.30 -8.04
C MET A 111 12.62 0.83 -6.64
N TYR A 112 13.62 1.49 -6.07
CA TYR A 112 13.47 2.29 -4.86
C TYR A 112 12.83 1.51 -3.69
N THR A 113 13.29 0.27 -3.54
CA THR A 113 12.82 -0.61 -2.49
C THR A 113 13.24 -0.10 -1.06
N SER A 114 14.17 0.82 -0.95
CA SER A 114 14.46 1.48 0.33
C SER A 114 13.42 2.54 0.68
N ALA A 115 12.64 3.00 -0.30
CA ALA A 115 11.67 4.05 -0.08
C ALA A 115 10.25 3.52 -0.04
N TRP A 116 9.85 2.74 -1.04
CA TRP A 116 8.45 2.42 -1.17
C TRP A 116 7.84 1.74 0.06
N PRO A 117 8.53 0.76 0.63
CA PRO A 117 7.92 0.07 1.77
C PRO A 117 7.70 0.99 2.96
N ILE A 118 8.56 1.97 3.10
CA ILE A 118 8.41 2.96 4.16
C ILE A 118 7.26 3.88 3.83
N LEU A 119 7.28 4.44 2.61
CA LEU A 119 6.16 5.24 2.11
C LEU A 119 4.80 4.59 2.27
N ASN A 120 4.73 3.33 1.93
CA ASN A 120 3.46 2.63 2.02
C ASN A 120 3.11 2.22 3.44
N GLY A 121 4.02 2.38 4.38
CA GLY A 121 3.71 2.10 5.77
C GLY A 121 4.06 0.71 6.28
N GLU A 122 4.94 0.01 5.57
CA GLU A 122 5.25 -1.36 5.94
C GLU A 122 6.02 -1.39 7.23
N ASP A 123 5.87 -2.50 7.96
CA ASP A 123 6.70 -2.79 9.16
C ASP A 123 7.91 -3.65 8.85
N THR A 124 7.89 -4.34 7.72
CA THR A 124 8.96 -5.25 7.33
C THR A 124 9.26 -5.17 5.84
N SER A 125 10.44 -5.66 5.47
CA SER A 125 10.80 -5.89 4.06
C SER A 125 11.73 -7.11 4.06
N GLY A 126 12.78 -7.12 3.24
CA GLY A 126 13.57 -8.34 3.06
C GLY A 126 14.52 -8.28 1.89
N VAL A 127 15.38 -9.29 1.76
CA VAL A 127 16.23 -9.50 0.58
C VAL A 127 16.00 -10.91 0.07
N THR A 128 16.10 -11.06 -1.24
CA THR A 128 15.70 -12.29 -1.91
C THR A 128 16.76 -12.70 -2.93
N LEU A 129 17.17 -13.94 -2.86
CA LEU A 129 18.05 -14.50 -3.88
C LEU A 129 17.18 -15.22 -4.88
N HIS A 130 17.33 -14.86 -6.16
CA HIS A 130 16.54 -15.51 -7.19
C HIS A 130 17.27 -15.65 -8.50
N LYS A 131 16.64 -16.45 -9.37
CA LYS A 131 17.16 -16.69 -10.73
C LYS A 131 16.80 -15.50 -11.55
N ILE A 132 17.67 -15.12 -12.48
CA ILE A 132 17.34 -14.11 -13.51
C ILE A 132 16.63 -14.80 -14.69
N ASP A 133 15.39 -14.36 -15.00
CA ASP A 133 14.75 -14.57 -16.30
C ASP A 133 14.60 -13.25 -17.03
N HIS A 134 13.87 -13.23 -18.14
CA HIS A 134 13.70 -12.01 -18.96
C HIS A 134 13.16 -10.79 -18.19
N GLY A 135 12.38 -11.07 -17.15
CA GLY A 135 11.59 -10.05 -16.48
C GLY A 135 12.34 -9.43 -15.33
N ILE A 136 11.77 -8.34 -14.82
CA ILE A 136 12.39 -7.54 -13.79
C ILE A 136 12.07 -8.09 -12.44
N ASP A 137 13.04 -8.72 -11.80
CA ASP A 137 12.90 -9.30 -10.45
C ASP A 137 11.79 -10.36 -10.35
N THR A 138 11.61 -11.11 -11.44
CA THR A 138 10.48 -12.04 -11.61
C THR A 138 10.82 -13.51 -11.51
N GLY A 139 12.10 -13.82 -11.57
CA GLY A 139 12.56 -15.22 -11.61
C GLY A 139 12.43 -15.94 -10.29
N ALA A 140 12.64 -17.25 -10.37
CA ALA A 140 12.29 -18.18 -9.30
C ALA A 140 13.12 -17.96 -8.09
N ILE A 141 12.50 -18.11 -6.92
CA ILE A 141 13.13 -17.76 -5.66
C ILE A 141 13.95 -18.95 -5.10
N ILE A 142 15.15 -18.63 -4.64
CA ILE A 142 16.05 -19.61 -4.05
C ILE A 142 16.12 -19.49 -2.53
N ALA A 143 16.33 -18.28 -2.03
CA ALA A 143 16.34 -18.04 -0.59
C ALA A 143 15.94 -16.61 -0.30
N GLN A 144 15.43 -16.37 0.91
CA GLN A 144 15.01 -15.03 1.37
C GLN A 144 15.23 -14.85 2.87
N LYS A 145 15.21 -13.60 3.33
CA LYS A 145 15.33 -13.24 4.73
C LYS A 145 14.40 -12.04 4.96
N GLU A 146 13.59 -12.12 6.00
CA GLU A 146 12.73 -11.01 6.37
C GLU A 146 13.58 -9.97 7.07
N ILE A 147 13.25 -8.71 6.89
CA ILE A 147 13.92 -7.60 7.60
C ILE A 147 12.85 -6.79 8.32
N ILE A 148 13.08 -6.48 9.59
CA ILE A 148 12.19 -5.64 10.36
C ILE A 148 12.63 -4.23 10.00
N ILE A 149 11.69 -3.35 9.66
CA ILE A 149 11.95 -1.91 9.58
C ILE A 149 11.44 -1.28 10.89
N GLN A 150 12.35 -0.68 11.65
CA GLN A 150 11.99 -0.05 12.91
C GLN A 150 11.28 1.27 12.61
N PRO A 151 10.37 1.70 13.50
CA PRO A 151 9.52 2.87 13.17
C PRO A 151 10.33 4.10 12.94
N PHE A 152 11.47 4.17 13.60
CA PHE A 152 12.34 5.34 13.52
C PHE A 152 13.31 5.34 12.31
N GLU A 153 13.41 4.24 11.55
CA GLU A 153 14.46 4.06 10.57
C GLU A 153 14.17 4.75 9.26
N THR A 154 15.21 5.30 8.68
CA THR A 154 15.11 5.98 7.41
C THR A 154 15.39 5.03 6.28
N ALA A 155 15.24 5.53 5.07
CA ALA A 155 15.54 4.78 3.88
C ALA A 155 17.05 4.43 3.85
N LYS A 156 17.90 5.34 4.28
CA LYS A 156 19.30 4.99 4.34
C LYS A 156 19.56 3.83 5.34
N ASP A 157 18.91 3.87 6.49
CA ASP A 157 19.02 2.81 7.47
C ASP A 157 18.58 1.49 6.84
N LEU A 158 17.53 1.56 6.04
CA LEU A 158 17.01 0.37 5.42
C LEU A 158 17.96 -0.11 4.34
N TYR A 159 18.47 0.78 3.52
CA TYR A 159 19.43 0.36 2.49
C TYR A 159 20.66 -0.38 3.10
N GLU A 160 21.13 0.10 4.25
CA GLU A 160 22.24 -0.57 4.90
C GLU A 160 21.89 -1.98 5.34
N LYS A 161 20.70 -2.19 5.89
CA LYS A 161 20.29 -3.55 6.24
C LYS A 161 20.16 -4.44 4.99
N TYR A 162 19.67 -3.91 3.87
CA TYR A 162 19.64 -4.69 2.64
C TYR A 162 21.03 -5.12 2.20
N ILE A 163 21.99 -4.20 2.27
CA ILE A 163 23.33 -4.48 1.84
C ILE A 163 23.94 -5.55 2.75
N SER A 164 23.84 -5.30 4.04
CA SER A 164 24.35 -6.21 5.03
C SER A 164 23.64 -7.57 4.95
N GLU A 165 22.31 -7.60 4.95
CA GLU A 165 21.64 -8.86 4.93
C GLU A 165 21.78 -9.52 3.58
N GLY A 166 21.85 -8.73 2.51
CA GLY A 166 21.99 -9.32 1.18
C GLY A 166 23.31 -10.04 1.06
N THR A 167 24.34 -9.47 1.68
CA THR A 167 25.69 -10.02 1.64
C THR A 167 25.67 -11.40 2.30
N SER A 168 25.10 -11.51 3.49
CA SER A 168 25.04 -12.79 4.21
C SER A 168 24.21 -13.82 3.49
N LEU A 169 23.07 -13.42 2.95
CA LEU A 169 22.29 -14.32 2.10
C LEU A 169 23.11 -14.96 0.97
N VAL A 170 23.99 -14.18 0.34
CA VAL A 170 24.81 -14.68 -0.77
C VAL A 170 25.84 -15.65 -0.24
N ILE A 171 26.54 -15.20 0.80
CA ILE A 171 27.54 -16.05 1.44
C ILE A 171 26.97 -17.39 1.88
N ASP A 172 25.78 -17.37 2.47
CA ASP A 172 25.16 -18.59 3.01
C ASP A 172 24.57 -19.52 1.97
N ASN A 173 24.51 -19.09 0.70
CA ASN A 173 24.07 -19.93 -0.40
C ASN A 173 24.99 -20.07 -1.63
N ILE A 174 26.08 -19.32 -1.70
CA ILE A 174 26.82 -19.27 -2.97
C ILE A 174 27.43 -20.62 -3.37
N SER A 175 27.76 -21.46 -2.39
CA SER A 175 28.33 -22.78 -2.70
C SER A 175 27.32 -23.53 -3.55
N THR A 176 26.08 -23.54 -3.13
CA THR A 176 25.04 -24.27 -3.84
C THR A 176 24.78 -23.71 -5.22
N LEU A 177 25.08 -22.43 -5.41
CA LEU A 177 24.95 -21.83 -6.75
C LEU A 177 26.06 -22.37 -7.66
N LEU A 178 27.25 -22.48 -7.09
CA LEU A 178 28.44 -22.89 -7.84
C LEU A 178 28.41 -24.38 -8.20
N ASN A 179 27.84 -25.19 -7.30
CA ASN A 179 27.76 -26.65 -7.41
C ASN A 179 26.41 -27.19 -7.89
N SER A 180 25.50 -26.29 -8.26
CA SER A 180 24.17 -26.64 -8.77
C SER A 180 23.37 -27.51 -7.82
N GLU A 181 23.49 -27.24 -6.53
CA GLU A 181 22.78 -27.96 -5.49
C GLU A 181 21.45 -27.26 -5.15
N TYR A 182 21.30 -26.03 -5.63
CA TYR A 182 20.24 -25.15 -5.18
C TYR A 182 18.86 -25.59 -5.64
N VAL A 183 17.84 -25.14 -4.93
CA VAL A 183 16.42 -25.37 -5.26
C VAL A 183 15.69 -24.04 -5.48
N GLU A 184 14.86 -23.97 -6.53
CA GLU A 184 14.14 -22.76 -6.90
C GLU A 184 12.64 -23.02 -6.88
N LYS A 185 11.84 -21.98 -6.69
CA LYS A 185 10.37 -22.10 -6.71
C LYS A 185 9.76 -20.88 -7.37
N GLU A 186 9.01 -21.03 -8.45
CA GLU A 186 8.42 -19.84 -9.09
C GLU A 186 7.71 -18.94 -8.05
N GLN A 187 7.75 -17.62 -8.30
CA GLN A 187 7.15 -16.63 -7.43
C GLN A 187 5.63 -16.71 -7.49
N ASN A 188 4.99 -16.52 -6.35
CA ASN A 188 3.52 -16.44 -6.33
C ASN A 188 2.97 -15.36 -7.22
N ILE A 189 1.72 -15.56 -7.62
CA ILE A 189 0.95 -14.46 -8.21
C ILE A 189 0.50 -13.46 -7.15
N LYS A 190 0.02 -13.97 -6.04
CA LYS A 190 -0.61 -13.12 -5.06
C LYS A 190 0.39 -12.20 -4.34
N TYR A 191 0.08 -10.91 -4.34
CA TYR A 191 0.82 -9.87 -3.69
C TYR A 191 2.02 -9.37 -4.49
N SER A 192 2.30 -9.95 -5.65
CA SER A 192 3.36 -9.45 -6.54
C SER A 192 3.11 -7.97 -6.76
N SER A 193 4.13 -7.15 -6.63
CA SER A 193 3.97 -5.76 -6.94
C SER A 193 5.27 -5.21 -7.42
N TYR A 194 5.16 -4.11 -8.17
CA TYR A 194 6.28 -3.56 -8.92
C TYR A 194 6.19 -2.03 -8.99
N TYR A 195 7.32 -1.38 -8.79
CA TYR A 195 7.45 0.07 -8.97
C TYR A 195 8.59 0.40 -9.95
N SER A 196 8.22 1.10 -11.01
CA SER A 196 9.17 1.56 -12.03
C SER A 196 9.81 2.86 -11.56
N LYS A 197 10.80 3.27 -12.32
CA LYS A 197 11.57 4.49 -12.02
C LYS A 197 10.71 5.76 -12.08
N LYS A 198 9.66 5.77 -12.90
CA LYS A 198 8.76 6.93 -12.99
C LYS A 198 8.03 7.16 -11.65
N THR A 199 7.86 6.12 -10.85
CA THR A 199 6.96 6.20 -9.68
C THR A 199 7.44 7.20 -8.64
N ILE A 200 8.74 7.46 -8.57
CA ILE A 200 9.29 8.58 -7.78
C ILE A 200 10.21 9.46 -8.63
N ASP A 201 9.96 10.77 -8.66
CA ASP A 201 10.87 11.71 -9.30
C ASP A 201 11.78 12.40 -8.30
N TYR A 202 13.02 11.95 -8.25
CA TYR A 202 13.99 12.45 -7.29
C TYR A 202 14.52 13.84 -7.68
N SER A 203 14.35 14.20 -8.94
CA SER A 203 14.49 15.62 -9.36
C SER A 203 13.54 16.56 -8.62
N ASN A 204 12.29 16.14 -8.43
CA ASN A 204 11.21 17.02 -8.01
C ASN A 204 10.51 16.56 -6.77
N LEU A 205 11.29 16.21 -5.75
CA LEU A 205 10.66 15.83 -4.52
C LEU A 205 9.88 16.96 -3.95
N GLU A 206 8.72 16.62 -3.42
CA GLU A 206 8.00 17.51 -2.55
C GLU A 206 7.19 16.68 -1.58
N LEU A 207 7.24 17.09 -0.32
CA LEU A 207 6.38 16.52 0.68
C LEU A 207 4.91 16.86 0.35
N ASN A 208 4.03 15.87 0.53
CA ASN A 208 2.59 16.04 0.38
C ASN A 208 1.90 16.10 1.74
N PHE A 209 1.54 17.30 2.16
CA PHE A 209 0.87 17.48 3.46
C PHE A 209 -0.64 17.21 3.52
N SER A 210 -1.28 16.94 2.41
CA SER A 210 -2.68 16.55 2.44
C SER A 210 -2.72 15.04 2.64
N LYS A 211 -2.25 14.63 3.83
CA LYS A 211 -1.91 13.24 4.14
C LYS A 211 -1.89 13.12 5.65
N THR A 212 -1.89 11.91 6.18
CA THR A 212 -1.91 11.76 7.63
C THR A 212 -0.54 11.96 8.27
N ALA A 213 -0.53 12.20 9.57
CA ALA A 213 0.70 12.32 10.32
C ALA A 213 1.58 11.11 10.13
N PHE A 214 1.04 9.92 10.30
CA PHE A 214 1.74 8.68 9.93
C PHE A 214 2.38 8.77 8.54
N GLU A 215 1.60 9.17 7.54
CA GLU A 215 2.07 9.18 6.15
C GLU A 215 3.20 10.20 5.94
N ILE A 216 3.10 11.36 6.59
CA ILE A 216 4.09 12.41 6.49
C ILE A 216 5.42 12.07 7.15
N ILE A 217 5.38 11.52 8.35
CA ILE A 217 6.57 10.97 8.97
C ILE A 217 7.17 9.89 8.09
N ASN A 218 6.34 8.96 7.60
CA ASN A 218 6.86 8.00 6.62
C ASN A 218 7.43 8.60 5.35
N GLN A 219 6.91 9.73 4.90
CA GLN A 219 7.52 10.40 3.77
C GLN A 219 8.93 10.89 4.11
N LEU A 220 9.03 11.47 5.29
CA LEU A 220 10.29 11.94 5.79
C LEU A 220 11.31 10.81 5.82
N ARG A 221 10.92 9.71 6.46
CA ARG A 221 11.81 8.58 6.67
C ARG A 221 12.27 8.05 5.33
N ALA A 222 11.33 7.95 4.41
CA ALA A 222 11.58 7.38 3.10
C ALA A 222 12.41 8.28 2.21
N PHE A 223 12.45 9.57 2.48
CA PHE A 223 13.25 10.43 1.66
C PHE A 223 14.50 10.90 2.38
N THR A 224 14.73 10.40 3.60
CA THR A 224 15.95 10.70 4.35
C THR A 224 17.09 9.72 4.00
N PHE A 225 18.00 10.23 3.16
CA PHE A 225 19.13 9.50 2.60
C PHE A 225 20.12 10.59 2.18
N ARG A 226 20.87 11.07 3.17
CA ARG A 226 21.57 12.35 3.13
C ARG A 226 22.49 12.55 1.89
N GLU A 227 23.09 11.48 1.38
CA GLU A 227 24.06 11.63 0.29
C GLU A 227 23.38 11.84 -1.05
N TYR A 228 22.11 11.49 -1.15
CA TYR A 228 21.31 11.84 -2.32
C TYR A 228 20.57 13.14 -2.01
N GLN A 229 19.78 13.12 -0.94
CA GLN A 229 19.00 14.29 -0.49
C GLN A 229 18.46 14.16 0.90
N LEU A 230 17.96 15.27 1.42
CA LEU A 230 17.10 15.27 2.56
C LEU A 230 15.80 15.93 2.14
N PRO A 231 14.68 15.60 2.82
CA PRO A 231 13.41 16.29 2.55
C PRO A 231 13.46 17.78 2.94
N LYS A 232 12.64 18.57 2.26
CA LYS A 232 12.71 20.03 2.42
C LYS A 232 11.35 20.59 2.73
N LEU A 233 11.32 21.65 3.54
CA LEU A 233 10.12 22.42 3.74
C LEU A 233 10.43 23.89 3.67
N ASP A 234 9.92 24.52 2.62
CA ASP A 234 10.16 25.92 2.37
C ASP A 234 11.65 26.14 2.40
N GLY A 235 12.30 25.39 1.52
CA GLY A 235 13.70 25.60 1.16
C GLY A 235 14.72 24.91 2.05
N VAL A 236 14.32 24.57 3.28
CA VAL A 236 15.24 24.21 4.36
C VAL A 236 15.16 22.73 4.75
N ASN A 237 16.31 22.10 4.81
CA ASN A 237 16.45 20.66 5.00
C ASN A 237 15.91 20.17 6.35
N ILE A 238 15.36 18.95 6.31
CA ILE A 238 14.69 18.33 7.45
C ILE A 238 15.30 16.99 7.77
N PHE A 239 15.54 16.78 9.05
CA PHE A 239 16.00 15.49 9.55
C PHE A 239 15.05 14.92 10.59
N LEU A 240 14.11 14.13 10.06
CA LEU A 240 13.01 13.54 10.77
C LEU A 240 12.07 14.50 11.53
N GLY A 241 11.17 13.91 12.32
CA GLY A 241 10.18 14.64 13.07
C GLY A 241 9.39 13.68 13.94
N ASP A 242 8.29 14.17 14.50
CA ASP A 242 7.41 13.40 15.38
C ASP A 242 5.97 13.89 15.25
N VAL A 243 5.07 13.14 15.86
CA VAL A 243 3.64 13.41 15.80
C VAL A 243 3.19 14.00 17.13
N LEU A 244 2.49 15.12 17.07
CA LEU A 244 2.02 15.79 18.28
C LEU A 244 0.61 15.32 18.64
N SER A 245 0.21 15.61 19.87
CA SER A 245 -1.12 15.23 20.37
C SER A 245 -2.22 16.22 19.94
N SER A 246 -1.82 17.43 19.52
CA SER A 246 -2.77 18.41 19.04
C SER A 246 -3.25 18.14 17.60
N ARG A 247 -4.39 18.77 17.26
CA ARG A 247 -4.99 18.65 15.96
C ARG A 247 -5.49 19.96 15.42
N SER A 248 -4.77 20.55 14.48
CA SER A 248 -5.06 21.91 14.04
C SER A 248 -6.22 21.92 13.04
N ILE A 249 -7.07 22.94 13.19
CA ILE A 249 -8.24 23.23 12.38
C ILE A 249 -7.79 23.85 11.07
N MET A 250 -6.56 24.35 11.05
CA MET A 250 -5.97 24.91 9.83
C MET A 250 -5.81 23.85 8.75
N LYS A 251 -5.87 24.26 7.49
CA LYS A 251 -5.80 23.28 6.43
C LYS A 251 -4.47 22.50 6.42
N PRO A 252 -4.52 21.23 5.99
CA PRO A 252 -3.29 20.46 6.04
C PRO A 252 -2.20 21.20 5.31
N GLY A 253 -1.02 21.31 5.94
CA GLY A 253 0.11 21.97 5.31
C GLY A 253 0.35 23.32 5.91
N SER A 254 -0.65 23.82 6.64
CA SER A 254 -0.51 25.12 7.28
C SER A 254 0.60 25.07 8.34
N ILE A 255 1.44 26.10 8.32
CA ILE A 255 2.54 26.26 9.24
C ILE A 255 2.13 27.01 10.49
N LEU A 256 2.12 26.27 11.60
CA LEU A 256 1.58 26.75 12.86
C LEU A 256 2.65 27.49 13.62
N GLU A 257 3.89 27.00 13.57
CA GLU A 257 5.01 27.56 14.30
C GLU A 257 6.31 27.25 13.59
N ARG A 258 7.30 28.11 13.81
CA ARG A 258 8.65 27.93 13.28
C ARG A 258 9.68 28.69 14.11
N ASN A 259 10.49 27.93 14.85
CA ASN A 259 11.65 28.47 15.53
C ASN A 259 13.00 28.04 14.89
N ASP A 260 14.08 28.06 15.65
CA ASP A 260 15.36 27.71 15.08
C ASP A 260 15.53 26.21 14.96
N LYS A 261 14.84 25.44 15.79
CA LYS A 261 15.00 23.97 15.82
C LYS A 261 13.99 23.12 14.98
N GLU A 262 12.88 23.73 14.56
CA GLU A 262 11.71 22.93 14.19
C GLU A 262 10.61 23.73 13.51
N ILE A 263 9.78 23.02 12.73
CA ILE A 263 8.61 23.62 12.12
C ILE A 263 7.43 22.74 12.45
N ILE A 264 6.36 23.35 12.96
CA ILE A 264 5.15 22.60 13.30
C ILE A 264 4.07 22.77 12.21
N VAL A 265 3.43 21.68 11.80
CA VAL A 265 2.50 21.73 10.67
C VAL A 265 1.20 20.97 10.96
N SER A 266 0.09 21.51 10.45
CA SER A 266 -1.20 20.80 10.39
C SER A 266 -1.16 19.68 9.34
N THR A 267 -1.80 18.57 9.65
CA THR A 267 -2.00 17.49 8.71
C THR A 267 -3.48 17.18 8.67
N ILE A 268 -3.84 16.15 7.90
CA ILE A 268 -5.19 15.59 7.97
C ILE A 268 -5.63 15.31 9.39
N ASP A 269 -4.76 14.70 10.20
CA ASP A 269 -5.10 14.38 11.56
C ASP A 269 -4.25 15.11 12.58
N TYR A 270 -3.23 14.46 13.14
CA TYR A 270 -2.43 15.05 14.18
C TYR A 270 -1.37 15.96 13.54
N ASP A 271 -1.11 17.06 14.24
CA ASP A 271 -0.02 17.97 13.89
C ASP A 271 1.31 17.20 13.90
N VAL A 272 2.28 17.66 13.13
CA VAL A 272 3.62 17.13 13.24
C VAL A 272 4.64 18.22 13.44
N VAL A 273 5.72 17.85 14.12
CA VAL A 273 6.89 18.70 14.16
C VAL A 273 7.94 18.12 13.21
N LEU A 274 8.51 18.99 12.37
CA LEU A 274 9.60 18.64 11.50
C LEU A 274 10.84 19.28 12.08
N TYR A 275 11.90 18.48 12.25
CA TYR A 275 13.13 18.94 12.88
C TYR A 275 14.10 19.47 11.83
N LYS A 276 14.50 20.73 11.95
CA LYS A 276 15.56 21.27 11.07
C LYS A 276 16.85 20.42 11.15
N ASP A 277 17.43 20.15 9.98
CA ASP A 277 18.66 19.42 9.93
C ASP A 277 19.76 20.32 10.45
N ASN A 278 20.29 19.95 11.60
CA ASN A 278 21.40 20.70 12.19
C ASN A 278 22.65 19.77 12.31
N PHE A 279 22.85 18.86 11.37
CA PHE A 279 23.96 17.90 11.43
C PHE A 279 25.32 18.60 11.39
N LYS A 280 25.48 19.51 10.43
CA LYS A 280 26.67 20.32 10.29
C LYS A 280 27.01 21.06 11.58
N GLU A 281 26.03 21.74 12.15
CA GLU A 281 26.25 22.42 13.44
C GLU A 281 26.80 21.46 14.52
N ILE A 282 26.24 20.25 14.58
CA ILE A 282 26.58 19.22 15.58
C ILE A 282 28.00 18.67 15.40
N LEU A 283 28.36 18.35 14.15
CA LEU A 283 29.73 17.91 13.82
C LEU A 283 30.73 18.93 14.32
N GLU A 284 30.56 20.17 13.87
CA GLU A 284 31.37 21.30 14.33
C GLU A 284 31.50 21.30 15.85
N ALA A 285 30.38 21.12 16.54
CA ALA A 285 30.37 21.17 18.00
C ALA A 285 31.03 19.98 18.67
N CYS A 286 31.08 18.85 17.99
CA CYS A 286 31.73 17.65 18.55
C CYS A 286 33.28 17.73 18.69
N LYS A 287 33.93 18.76 18.12
CA LYS A 287 35.35 18.98 18.40
C LYS A 287 35.64 19.20 19.89
N TYR A 288 34.93 20.12 20.53
CA TYR A 288 35.30 20.61 21.88
C TYR A 288 34.20 20.56 22.94
N SER A 289 32.96 20.34 22.53
CA SER A 289 31.84 20.57 23.45
C SER A 289 31.54 19.31 24.21
N ASP A 290 30.99 19.47 25.41
CA ASP A 290 30.66 18.35 26.27
C ASP A 290 29.32 17.80 25.90
N SER A 291 28.99 16.66 26.48
CA SER A 291 27.74 16.01 26.13
C SER A 291 26.52 16.85 26.50
N LYS A 292 26.59 17.55 27.64
CA LYS A 292 25.51 18.44 28.06
C LYS A 292 25.10 19.28 26.89
N TYR A 293 26.07 19.88 26.22
CA TYR A 293 25.83 20.74 25.07
C TYR A 293 25.28 20.02 23.84
N ILE A 294 25.93 18.92 23.44
CA ILE A 294 25.48 18.19 22.26
C ILE A 294 24.04 17.65 22.44
N ALA A 295 23.75 17.07 23.59
CA ALA A 295 22.38 16.63 23.93
C ALA A 295 21.26 17.66 23.63
N LYS A 296 21.47 18.93 23.97
CA LYS A 296 20.49 19.98 23.67
C LYS A 296 20.24 20.20 22.18
N LEU A 297 21.23 19.89 21.34
CA LEU A 297 21.06 19.99 19.88
C LEU A 297 20.30 18.83 19.27
N ILE A 298 20.20 17.72 20.00
CA ILE A 298 19.70 16.46 19.47
C ILE A 298 18.16 16.39 19.47
N ARG A 299 17.58 16.42 18.27
CA ARG A 299 16.15 16.18 18.11
C ARG A 299 15.81 14.72 17.75
N ALA A 300 16.25 14.22 16.60
CA ALA A 300 16.16 12.79 16.35
C ALA A 300 17.47 12.19 16.77
N LYS A 301 17.39 11.19 17.62
CA LYS A 301 18.58 10.56 18.13
C LYS A 301 19.53 10.02 17.04
N SER A 302 18.99 9.53 15.95
CA SER A 302 19.80 8.85 14.95
C SER A 302 20.72 9.83 14.21
N ILE A 303 20.48 11.15 14.34
CA ILE A 303 21.34 12.14 13.70
C ILE A 303 22.79 12.05 14.19
N LEU A 304 22.98 11.58 15.42
CA LEU A 304 24.33 11.31 15.91
C LEU A 304 25.16 10.33 15.08
N PHE A 305 24.53 9.50 14.24
CA PHE A 305 25.29 8.51 13.44
C PHE A 305 25.35 8.85 11.98
N GLU A 306 24.94 10.05 11.62
CA GLU A 306 25.12 10.52 10.25
C GLU A 306 26.59 10.86 9.97
N LYS A 307 26.93 11.09 8.71
CA LYS A 307 28.32 11.30 8.27
C LYS A 307 28.38 12.34 7.21
N ASN A 308 29.36 13.24 7.28
CA ASN A 308 29.58 14.18 6.15
C ASN A 308 30.18 13.51 4.87
N ILE A 309 30.46 14.27 3.80
CA ILE A 309 31.04 13.65 2.57
C ILE A 309 32.34 12.87 2.77
N TYR A 310 33.13 13.19 3.80
CA TYR A 310 34.38 12.46 4.06
C TYR A 310 34.16 11.13 4.79
N GLY A 311 32.96 10.94 5.31
CA GLY A 311 32.69 9.87 6.24
C GLY A 311 32.88 10.22 7.71
N TRP A 312 33.00 11.50 8.06
CA TRP A 312 33.19 11.84 9.46
C TRP A 312 31.85 11.78 10.19
N SER A 313 31.74 10.88 11.16
CA SER A 313 30.66 10.90 12.16
C SER A 313 31.10 11.66 13.39
N PRO A 314 30.14 12.03 14.28
CA PRO A 314 30.43 12.62 15.58
C PRO A 314 31.50 11.91 16.40
N VAL A 315 31.41 10.60 16.52
CA VAL A 315 32.42 9.90 17.29
C VAL A 315 33.78 10.10 16.59
N ILE A 316 33.79 10.16 15.26
CA ILE A 316 35.07 10.31 14.53
C ILE A 316 35.71 11.69 14.77
N VAL A 317 34.94 12.75 14.62
CA VAL A 317 35.40 14.08 14.87
C VAL A 317 35.77 14.21 16.36
N ALA A 318 34.96 13.62 17.23
CA ALA A 318 35.34 13.62 18.66
C ALA A 318 36.78 13.10 18.86
N ALA A 319 37.00 11.86 18.39
CA ALA A 319 38.27 11.19 18.61
C ALA A 319 39.44 11.99 18.03
N TYR A 320 39.22 12.61 16.87
CA TYR A 320 40.29 13.36 16.25
C TYR A 320 40.74 14.52 17.13
N HIS A 321 39.79 15.10 17.85
CA HIS A 321 40.08 16.23 18.72
C HIS A 321 40.28 15.80 20.17
N GLY A 322 40.25 14.52 20.43
CA GLY A 322 40.53 14.01 21.76
C GLY A 322 39.44 14.35 22.74
N ASN A 323 38.19 14.36 22.26
CA ASN A 323 37.06 14.68 23.12
C ASN A 323 36.59 13.42 23.84
N ILE A 324 37.36 13.05 24.84
CA ILE A 324 37.12 11.79 25.52
C ILE A 324 35.74 11.70 26.16
N GLU A 325 35.31 12.70 26.95
CA GLU A 325 34.03 12.53 27.63
C GLU A 325 32.88 12.55 26.64
N LEU A 326 33.00 13.33 25.56
CA LEU A 326 32.01 13.24 24.47
C LEU A 326 31.95 11.84 23.88
N ILE A 327 33.10 11.20 23.65
CA ILE A 327 33.06 9.84 23.16
C ILE A 327 32.39 8.91 24.14
N LYS A 328 32.64 9.03 25.45
CA LYS A 328 31.92 8.20 26.42
C LYS A 328 30.40 8.30 26.18
N TRP A 329 29.88 9.52 26.06
CA TRP A 329 28.45 9.70 25.90
C TRP A 329 27.93 9.23 24.53
N LEU A 330 28.62 9.59 23.45
CA LEU A 330 28.25 9.08 22.10
C LEU A 330 28.10 7.57 22.13
N VAL A 331 29.11 6.88 22.60
CA VAL A 331 29.03 5.45 22.71
C VAL A 331 27.88 4.99 23.60
N SER A 332 27.55 5.73 24.66
CA SER A 332 26.39 5.35 25.51
C SER A 332 25.07 5.47 24.76
N LYS A 333 25.03 6.40 23.81
CA LYS A 333 23.90 6.56 22.93
C LYS A 333 23.84 5.60 21.74
N GLY A 334 24.80 4.70 21.57
CA GLY A 334 24.77 3.73 20.48
C GLY A 334 25.89 3.85 19.46
N ALA A 335 26.68 4.93 19.53
CA ALA A 335 27.78 5.16 18.58
C ALA A 335 28.78 4.02 18.52
N ASN A 336 29.20 3.68 17.31
CA ASN A 336 30.24 2.65 17.12
C ASN A 336 31.59 3.18 17.55
N ILE A 337 32.25 2.52 18.49
CA ILE A 337 33.59 2.94 18.95
C ILE A 337 34.67 2.73 17.87
N ASN A 338 34.41 1.81 16.94
CA ASN A 338 35.31 1.58 15.82
C ASN A 338 34.71 1.93 14.47
N ASP A 339 33.82 2.93 14.52
CA ASP A 339 33.30 3.59 13.34
C ASP A 339 34.41 4.00 12.37
N ARG A 340 34.08 3.95 11.08
CA ARG A 340 35.02 4.14 9.97
C ARG A 340 34.58 5.28 9.05
N ASN A 341 35.54 6.01 8.47
CA ASN A 341 35.23 6.90 7.36
C ASN A 341 35.12 6.11 6.05
N TYR A 342 35.05 6.81 4.92
CA TYR A 342 34.80 6.13 3.66
C TYR A 342 36.02 5.46 3.02
N LYS A 343 37.18 5.58 3.68
CA LYS A 343 38.38 4.82 3.37
C LYS A 343 38.69 3.77 4.41
N GLY A 344 37.81 3.59 5.39
CA GLY A 344 37.98 2.56 6.40
C GLY A 344 38.85 2.98 7.56
N THR A 345 39.18 4.27 7.60
CA THR A 345 39.95 4.82 8.70
C THR A 345 39.10 4.73 9.98
N THR A 346 39.60 4.01 10.97
CA THR A 346 38.94 3.85 12.28
C THR A 346 39.10 5.02 13.24
N VAL A 347 38.18 5.06 14.20
CA VAL A 347 38.29 5.93 15.35
C VAL A 347 39.71 5.88 15.91
N ALA A 348 40.24 4.68 16.16
CA ALA A 348 41.61 4.57 16.74
C ALA A 348 42.64 5.35 15.94
N MET A 349 42.52 5.34 14.61
CA MET A 349 43.48 6.02 13.78
C MET A 349 43.35 7.51 13.91
N TYR A 350 42.12 7.99 14.03
CA TYR A 350 41.88 9.41 14.29
C TYR A 350 42.42 9.80 15.66
N PHE A 351 42.19 8.93 16.64
CA PHE A 351 42.66 9.21 17.99
C PHE A 351 44.16 9.27 18.05
N LYS A 352 44.82 8.44 17.25
CA LYS A 352 46.28 8.44 17.23
C LYS A 352 46.83 9.80 16.86
N ASP A 353 46.29 10.44 15.82
CA ASP A 353 46.79 11.75 15.49
C ASP A 353 46.60 12.73 16.64
N TYR A 354 45.55 12.55 17.44
CA TYR A 354 45.32 13.46 18.57
C TYR A 354 46.44 13.27 19.57
N MET A 355 46.74 12.00 19.83
CA MET A 355 47.73 11.65 20.83
C MET A 355 49.08 12.25 20.53
N LEU A 356 49.39 12.25 19.24
CA LEU A 356 50.65 12.61 18.72
C LEU A 356 50.82 14.14 18.75
N LYS A 357 49.77 14.85 18.36
CA LYS A 357 49.75 16.31 18.37
C LYS A 357 49.80 16.88 19.79
N SER A 358 49.15 16.18 20.70
CA SER A 358 48.88 16.65 22.05
C SER A 358 49.93 16.19 23.06
N GLY A 359 50.53 15.05 22.79
CA GLY A 359 51.50 14.46 23.72
C GLY A 359 50.81 13.90 24.92
N ASP A 360 49.49 13.71 24.83
CA ASP A 360 48.70 13.17 25.94
C ASP A 360 48.14 11.85 25.49
N TYR A 361 48.58 10.78 26.15
CA TYR A 361 48.18 9.42 25.79
C TYR A 361 47.20 8.81 26.79
N SER A 362 46.79 9.60 27.78
CA SER A 362 46.08 9.07 28.96
C SER A 362 44.64 8.66 28.73
N GLY A 363 44.02 9.14 27.68
CA GLY A 363 42.67 8.69 27.36
C GLY A 363 42.58 7.38 26.59
N LEU A 364 43.71 6.81 26.19
CA LEU A 364 43.66 5.60 25.39
C LEU A 364 43.04 4.44 26.20
N LYS A 365 43.42 4.31 27.47
CA LYS A 365 42.89 3.22 28.33
C LYS A 365 41.37 3.21 28.33
N MET A 366 40.85 4.39 28.49
CA MET A 366 39.46 4.48 28.75
C MET A 366 38.71 4.17 27.45
N LEU A 367 39.26 4.58 26.31
CA LEU A 367 38.72 4.17 25.01
C LEU A 367 38.75 2.66 24.83
N ILE A 368 39.90 2.04 25.06
CA ILE A 368 40.07 0.58 25.02
C ILE A 368 39.00 -0.12 25.84
N ASP A 369 38.77 0.40 27.04
CA ASP A 369 37.72 -0.10 27.92
C ASP A 369 36.33 0.02 27.31
N LEU A 370 36.15 1.00 26.42
CA LEU A 370 34.94 1.08 25.61
C LEU A 370 34.91 0.19 24.36
N GLY A 371 35.91 -0.68 24.18
CA GLY A 371 35.92 -1.65 23.09
C GLY A 371 36.71 -1.24 21.85
N LEU A 372 37.54 -0.21 21.97
CA LEU A 372 38.32 0.22 20.84
C LEU A 372 39.27 -0.90 20.34
N ASP A 373 39.28 -1.13 19.03
CA ASP A 373 40.07 -2.19 18.44
C ASP A 373 41.21 -1.67 17.56
N LEU A 374 42.42 -1.96 18.02
CA LEU A 374 43.65 -1.48 17.39
C LEU A 374 44.11 -2.36 16.23
N THR A 375 43.59 -3.61 16.18
CA THR A 375 43.95 -4.56 15.13
C THR A 375 43.33 -4.26 13.78
N LEU A 376 42.40 -3.30 13.75
CA LEU A 376 41.65 -3.05 12.52
C LEU A 376 42.52 -2.39 11.46
N THR A 377 42.12 -2.68 10.22
CA THR A 377 42.83 -2.22 9.05
C THR A 377 41.91 -1.30 8.26
N ASP A 378 42.47 -0.24 7.70
CA ASP A 378 41.73 0.61 6.79
C ASP A 378 41.71 -0.08 5.45
N TYR A 379 41.16 0.57 4.44
CA TYR A 379 40.91 -0.10 3.18
C TYR A 379 42.18 -0.35 2.36
N LYS A 380 43.33 0.25 2.72
CA LYS A 380 44.58 -0.19 2.12
C LYS A 380 45.37 -1.13 3.01
N ASP A 381 44.70 -1.79 3.96
CA ASP A 381 45.27 -2.86 4.74
C ASP A 381 46.38 -2.39 5.70
N TYR A 382 46.27 -1.15 6.16
CA TYR A 382 47.23 -0.57 7.10
C TYR A 382 46.55 -0.51 8.49
N THR A 383 47.20 -1.02 9.54
CA THR A 383 46.78 -0.81 10.94
C THR A 383 47.23 0.55 11.40
N VAL A 384 46.69 0.99 12.54
CA VAL A 384 47.21 2.19 13.20
C VAL A 384 48.74 2.07 13.50
N PHE A 385 49.23 0.86 13.78
CA PHE A 385 50.68 0.61 14.00
C PHE A 385 51.56 0.85 12.79
N ASP A 386 51.18 0.26 11.66
CA ASP A 386 51.84 0.54 10.38
C ASP A 386 52.02 2.03 10.14
N TYR A 387 51.04 2.83 10.54
CA TYR A 387 51.06 4.27 10.27
C TYR A 387 52.08 5.04 11.12
N LEU A 388 52.18 4.63 12.38
CA LEU A 388 53.22 5.08 13.31
C LEU A 388 54.66 4.70 12.85
N GLU A 389 54.79 3.48 12.35
CA GLU A 389 56.04 3.08 11.73
C GLU A 389 56.37 4.03 10.59
N LYS A 390 55.48 4.21 9.61
CA LYS A 390 55.87 5.07 8.49
C LYS A 390 56.07 6.58 8.82
N SER A 391 55.60 7.04 9.97
CA SER A 391 55.91 8.44 10.39
C SER A 391 57.10 8.51 11.38
N GLY A 392 57.51 7.35 11.88
CA GLY A 392 58.72 7.24 12.69
C GLY A 392 58.47 7.44 14.18
N ASN A 393 57.20 7.38 14.57
CA ASN A 393 56.76 7.53 15.96
C ASN A 393 56.69 6.17 16.64
N LYS A 394 57.88 5.62 16.84
CA LYS A 394 58.04 4.27 17.39
C LYS A 394 57.72 4.25 18.88
N ASN A 395 57.97 5.38 19.52
CA ASN A 395 57.66 5.53 20.93
C ASN A 395 56.19 5.34 21.26
N LEU A 396 55.33 6.08 20.53
CA LEU A 396 53.86 5.89 20.70
C LEU A 396 53.42 4.47 20.30
N LEU A 397 53.91 3.98 19.16
CA LEU A 397 53.68 2.59 18.73
C LEU A 397 53.88 1.61 19.85
N GLN A 398 55.01 1.71 20.56
CA GLN A 398 55.27 0.81 21.70
C GLN A 398 54.31 1.01 22.86
N TYR A 399 53.99 2.27 23.19
CA TYR A 399 52.96 2.50 24.23
C TYR A 399 51.64 1.73 23.90
N MET A 400 51.13 1.94 22.67
CA MET A 400 49.84 1.41 22.23
C MET A 400 49.77 -0.09 22.23
N MET A 401 50.92 -0.72 21.91
CA MET A 401 51.11 -2.16 21.93
C MET A 401 50.83 -2.74 23.27
N ALA A 402 51.12 -1.99 24.33
CA ALA A 402 50.77 -2.45 25.67
C ALA A 402 49.32 -2.93 25.83
N PHE A 403 48.39 -2.41 25.03
CA PHE A 403 46.98 -2.78 25.20
C PHE A 403 46.55 -3.95 24.29
N MET A 404 47.46 -4.84 23.90
CA MET A 404 47.10 -5.99 23.03
C MET A 404 47.07 -7.32 23.77
N MET B 8 -37.51 14.05 21.02
CA MET B 8 -36.09 14.06 20.49
C MET B 8 -36.03 14.08 18.96
N LYS B 9 -34.99 14.73 18.41
CA LYS B 9 -34.88 15.04 16.97
C LYS B 9 -33.61 14.46 16.35
N ILE B 10 -33.65 14.18 15.06
CA ILE B 10 -32.48 13.65 14.36
C ILE B 10 -32.40 14.21 12.95
N ILE B 11 -31.21 14.63 12.57
CA ILE B 11 -30.98 15.18 11.23
C ILE B 11 -30.22 14.11 10.48
N ILE B 12 -30.81 13.54 9.44
CA ILE B 12 -30.15 12.54 8.63
C ILE B 12 -29.71 13.23 7.35
N ALA B 13 -28.40 13.29 7.16
CA ALA B 13 -27.80 13.96 6.02
C ALA B 13 -27.03 12.95 5.17
N GLY B 14 -27.42 12.83 3.93
CA GLY B 14 -26.92 11.73 3.12
C GLY B 14 -27.71 11.29 1.92
N LYS B 15 -27.38 10.09 1.46
CA LYS B 15 -27.96 9.51 0.23
C LYS B 15 -27.97 7.97 0.27
N ASN B 16 -28.58 7.39 -0.76
CA ASN B 16 -28.49 5.98 -1.06
C ASN B 16 -29.18 5.09 -0.05
N ASP B 17 -29.09 3.77 -0.21
CA ASP B 17 -29.93 2.88 0.59
C ASP B 17 -29.49 2.96 2.04
N ILE B 18 -28.27 3.41 2.32
CA ILE B 18 -27.89 3.55 3.71
C ILE B 18 -28.79 4.60 4.36
N ALA B 19 -28.89 5.78 3.74
CA ALA B 19 -29.69 6.82 4.31
C ALA B 19 -31.18 6.41 4.34
N VAL B 20 -31.67 5.79 3.26
CA VAL B 20 -33.05 5.36 3.18
C VAL B 20 -33.41 4.33 4.22
N ASN B 21 -32.64 3.27 4.30
CA ASN B 21 -32.97 2.19 5.22
C ASN B 21 -32.78 2.53 6.68
N VAL B 22 -31.81 3.39 6.99
CA VAL B 22 -31.74 3.91 8.36
C VAL B 22 -33.04 4.69 8.68
N THR B 23 -33.47 5.50 7.72
CA THR B 23 -34.64 6.31 7.94
C THR B 23 -35.88 5.38 8.10
N ARG B 24 -36.02 4.41 7.19
CA ARG B 24 -37.03 3.35 7.31
C ARG B 24 -37.09 2.80 8.74
N TRP B 25 -35.95 2.37 9.28
CA TRP B 25 -35.90 1.71 10.60
C TRP B 25 -36.37 2.67 11.67
N LEU B 26 -35.98 3.94 11.55
CA LEU B 26 -36.39 4.91 12.56
C LEU B 26 -37.90 5.12 12.60
N GLN B 27 -38.50 5.23 11.41
CA GLN B 27 -39.93 5.46 11.27
C GLN B 27 -40.75 4.25 11.75
N LYS B 28 -40.19 3.04 11.64
CA LYS B 28 -40.73 1.87 12.31
C LYS B 28 -40.55 1.90 13.83
N LYS B 29 -39.30 1.90 14.28
CA LYS B 29 -39.01 1.54 15.67
C LYS B 29 -38.94 2.74 16.62
N LYS B 30 -39.02 3.94 16.08
CA LYS B 30 -38.83 5.12 16.90
C LYS B 30 -39.78 6.17 16.39
N LYS B 31 -41.06 5.86 16.53
CA LYS B 31 -42.17 6.66 16.00
C LYS B 31 -42.21 8.03 16.67
N ASN B 32 -41.83 8.09 17.95
CA ASN B 32 -41.50 9.35 18.66
C ASN B 32 -40.76 10.48 17.88
N ILE B 33 -39.74 10.13 17.08
CA ILE B 33 -38.72 11.10 16.68
C ILE B 33 -39.23 12.02 15.58
N GLU B 34 -38.83 13.28 15.66
CA GLU B 34 -38.90 14.17 14.53
C GLU B 34 -37.62 14.05 13.68
N ILE B 35 -37.80 13.69 12.41
CA ILE B 35 -36.72 13.52 11.45
C ILE B 35 -36.65 14.70 10.49
N TYR B 36 -35.45 15.19 10.23
CA TYR B 36 -35.15 16.19 9.21
C TYR B 36 -34.11 15.60 8.27
N ALA B 37 -34.20 15.92 6.98
CA ALA B 37 -33.21 15.38 6.02
C ALA B 37 -32.41 16.45 5.32
N ILE B 38 -31.16 16.11 5.02
CA ILE B 38 -30.32 16.88 4.09
C ILE B 38 -29.91 15.90 3.02
N CYS B 39 -30.05 16.35 1.77
CA CYS B 39 -29.73 15.51 0.61
C CYS B 39 -28.46 16.01 -0.08
N ASN B 40 -27.86 15.13 -0.86
CA ASN B 40 -26.69 15.45 -1.61
C ASN B 40 -27.07 16.15 -2.90
N ALA B 41 -26.15 16.94 -3.42
CA ALA B 41 -26.40 17.75 -4.60
C ALA B 41 -26.64 16.89 -5.82
N ASN B 42 -26.13 15.66 -5.85
CA ASN B 42 -26.33 14.84 -7.05
C ASN B 42 -27.44 13.78 -6.89
N ASP B 43 -28.25 13.92 -5.84
CA ASP B 43 -29.51 13.17 -5.71
C ASP B 43 -30.54 13.77 -6.67
N THR B 44 -30.88 13.01 -7.69
CA THR B 44 -31.68 13.55 -8.79
C THR B 44 -33.17 13.54 -8.43
N GLY B 45 -33.52 13.08 -7.24
CA GLY B 45 -34.92 12.84 -6.92
C GLY B 45 -35.51 11.53 -7.46
N ILE B 46 -34.75 10.78 -8.23
CA ILE B 46 -35.26 9.64 -8.98
C ILE B 46 -34.49 8.38 -8.52
N ASP B 47 -35.20 7.29 -8.23
CA ASP B 47 -34.54 6.04 -7.82
C ASP B 47 -33.56 5.61 -8.94
N THR B 48 -32.40 5.09 -8.55
CA THR B 48 -31.43 4.53 -9.50
C THR B 48 -30.92 3.17 -8.97
N PHE B 49 -29.69 2.79 -9.23
CA PHE B 49 -29.14 1.56 -8.59
C PHE B 49 -29.14 1.62 -7.09
N GLN B 50 -29.07 2.85 -6.60
CA GLN B 50 -29.37 3.16 -5.21
C GLN B 50 -30.61 4.04 -5.11
N ARG B 51 -31.38 3.81 -4.04
CA ARG B 51 -32.60 4.54 -3.79
C ARG B 51 -32.26 6.00 -3.62
N SER B 52 -33.11 6.86 -4.20
CA SER B 52 -33.09 8.33 -3.92
C SER B 52 -33.67 8.68 -2.57
N PHE B 53 -32.82 9.22 -1.70
CA PHE B 53 -33.21 9.60 -0.39
C PHE B 53 -34.15 10.80 -0.46
N LYS B 54 -33.85 11.71 -1.36
CA LYS B 54 -34.70 12.87 -1.60
C LYS B 54 -36.16 12.43 -1.87
N LYS B 55 -36.30 11.40 -2.68
CA LYS B 55 -37.59 10.88 -3.07
C LYS B 55 -38.28 10.29 -1.88
N TYR B 56 -37.57 9.46 -1.12
CA TYR B 56 -38.07 8.87 0.11
C TYR B 56 -38.57 9.93 1.11
N CYS B 57 -37.79 10.96 1.37
CA CYS B 57 -38.24 12.01 2.27
C CYS B 57 -39.49 12.77 1.78
N LYS B 58 -39.59 13.03 0.49
CA LYS B 58 -40.83 13.59 -0.05
C LYS B 58 -42.06 12.68 0.10
N ASP B 59 -41.89 11.37 -0.06
CA ASP B 59 -42.98 10.43 0.02
C ASP B 59 -43.29 10.01 1.43
N ASN B 60 -42.50 10.44 2.40
CA ASN B 60 -42.77 10.10 3.78
C ASN B 60 -42.72 11.28 4.72
N LEU B 61 -43.13 12.45 4.23
CA LEU B 61 -43.44 13.58 5.10
C LEU B 61 -42.23 14.09 5.91
N ILE B 62 -41.03 13.84 5.41
CA ILE B 62 -39.83 14.34 6.07
C ILE B 62 -39.31 15.63 5.44
N PRO B 63 -39.26 16.74 6.21
CA PRO B 63 -38.81 17.98 5.60
C PRO B 63 -37.33 17.89 5.23
N ILE B 64 -37.05 18.28 4.00
CA ILE B 64 -35.70 18.51 3.53
C ILE B 64 -35.20 19.94 3.86
N ILE B 65 -34.03 20.00 4.50
CA ILE B 65 -33.41 21.25 4.92
C ILE B 65 -31.96 21.33 4.45
N SER B 66 -31.33 22.47 4.70
CA SER B 66 -29.95 22.66 4.32
C SER B 66 -29.05 22.41 5.51
N LEU B 67 -27.76 22.32 5.23
CA LEU B 67 -26.79 22.21 6.32
C LEU B 67 -26.83 23.45 7.26
N ALA B 68 -26.92 24.65 6.68
CA ALA B 68 -27.09 25.90 7.46
C ALA B 68 -28.28 25.79 8.40
N GLU B 69 -29.38 25.26 7.90
CA GLU B 69 -30.55 25.08 8.78
C GLU B 69 -30.25 24.10 9.90
N ALA B 70 -29.58 23.01 9.56
CA ALA B 70 -29.25 21.98 10.53
C ALA B 70 -28.39 22.50 11.67
N TYR B 71 -27.54 23.50 11.38
CA TYR B 71 -26.72 24.12 12.43
C TYR B 71 -27.57 24.76 13.54
N LYS B 72 -28.75 25.24 13.20
CA LYS B 72 -29.58 25.99 14.14
C LYS B 72 -30.56 25.12 14.90
N ILE B 73 -30.68 23.84 14.52
CA ILE B 73 -31.67 22.99 15.16
C ILE B 73 -31.14 22.53 16.51
N ASP B 74 -31.87 22.85 17.57
CA ASP B 74 -31.48 22.46 18.91
C ASP B 74 -31.97 21.07 19.16
N ASP B 75 -31.25 20.38 20.00
CA ASP B 75 -31.83 19.24 20.67
C ASP B 75 -32.02 18.09 19.66
N ALA B 76 -31.06 18.03 18.74
CA ALA B 76 -31.01 17.05 17.67
C ALA B 76 -29.67 16.38 17.72
N ILE B 77 -29.60 15.19 17.18
CA ILE B 77 -28.31 14.65 16.81
C ILE B 77 -28.22 14.71 15.29
N PHE B 78 -26.97 14.77 14.82
CA PHE B 78 -26.70 14.91 13.41
C PHE B 78 -25.94 13.67 12.99
N LEU B 79 -26.49 12.99 11.98
CA LEU B 79 -26.00 11.69 11.51
C LEU B 79 -25.78 11.77 9.99
N SER B 80 -24.51 11.70 9.60
CA SER B 80 -24.16 11.69 8.21
C SER B 80 -23.99 10.28 7.67
N LEU B 81 -24.69 10.01 6.56
CA LEU B 81 -24.68 8.69 5.89
C LEU B 81 -24.40 8.89 4.40
N GLU B 82 -23.11 9.06 4.09
CA GLU B 82 -22.56 9.40 2.78
C GLU B 82 -22.95 10.76 2.30
N PHE B 83 -23.13 11.65 3.27
CA PHE B 83 -23.31 13.06 3.02
C PHE B 83 -22.15 13.60 2.21
N ASP B 84 -22.38 14.56 1.33
CA ASP B 84 -21.35 15.01 0.40
C ASP B 84 -20.59 16.25 0.84
N LYS B 85 -20.71 16.63 2.11
CA LYS B 85 -20.16 17.90 2.61
C LYS B 85 -19.35 17.78 3.91
N ILE B 86 -18.27 18.56 3.91
CA ILE B 86 -17.49 18.85 5.08
C ILE B 86 -18.22 19.90 5.91
N VAL B 87 -18.57 19.44 7.09
CA VAL B 87 -19.34 20.17 8.02
C VAL B 87 -18.39 20.87 8.95
N GLN B 88 -18.81 22.01 9.50
CA GLN B 88 -18.03 22.70 10.53
C GLN B 88 -18.65 22.51 11.90
N PRO B 89 -18.09 21.62 12.70
CA PRO B 89 -18.64 21.28 14.00
C PRO B 89 -18.98 22.47 14.84
N SER B 90 -18.17 23.52 14.74
CA SER B 90 -18.27 24.64 15.64
C SER B 90 -19.55 25.44 15.42
N LYS B 91 -20.19 25.28 14.27
CA LYS B 91 -21.38 26.07 13.96
C LYS B 91 -22.65 25.48 14.57
N PHE B 92 -22.52 24.24 15.05
CA PHE B 92 -23.60 23.58 15.76
C PHE B 92 -23.66 24.11 17.17
N ASN B 93 -24.81 23.86 17.79
CA ASN B 93 -25.12 24.23 19.18
C ASN B 93 -24.77 23.13 20.17
N HIS B 94 -24.12 22.07 19.70
CA HIS B 94 -23.92 20.84 20.46
C HIS B 94 -22.82 20.04 19.79
N ASN B 95 -22.50 18.89 20.39
CA ASN B 95 -21.48 18.02 19.83
C ASN B 95 -21.91 16.61 19.35
N GLU B 96 -23.20 16.34 19.35
CA GLU B 96 -23.69 15.04 18.91
C GLU B 96 -23.71 14.96 17.40
N LEU B 97 -22.52 14.75 16.86
CA LEU B 97 -22.30 14.79 15.45
C LEU B 97 -21.61 13.48 15.14
N PHE B 98 -22.22 12.70 14.24
CA PHE B 98 -21.81 11.35 13.90
C PHE B 98 -21.78 11.10 12.38
N ASN B 99 -20.95 10.12 12.00
CA ASN B 99 -20.79 9.73 10.62
C ASN B 99 -20.51 8.26 10.51
N ILE B 100 -21.01 7.68 9.43
CA ILE B 100 -20.61 6.38 8.94
C ILE B 100 -19.61 6.57 7.82
N HIS B 101 -18.37 6.19 8.10
CA HIS B 101 -17.34 6.16 7.07
C HIS B 101 -17.04 4.74 6.57
N PHE B 102 -16.89 4.62 5.26
CA PHE B 102 -16.78 3.28 4.66
C PHE B 102 -15.32 2.81 4.62
N SER B 103 -14.67 2.77 5.77
CA SER B 103 -13.39 2.09 5.93
C SER B 103 -13.27 1.60 7.38
N TYR B 104 -12.29 0.73 7.63
CA TYR B 104 -11.91 0.37 8.98
C TYR B 104 -10.89 1.39 9.49
N LEU B 105 -11.39 2.44 10.13
CA LEU B 105 -10.54 3.53 10.53
C LEU B 105 -9.55 3.03 11.55
N PRO B 106 -8.31 3.53 11.54
CA PRO B 106 -7.92 4.81 10.88
C PRO B 106 -7.35 4.78 9.44
N LYS B 107 -7.36 3.62 8.79
CA LYS B 107 -6.95 3.53 7.40
C LYS B 107 -8.04 4.10 6.49
N TYR B 108 -7.62 4.60 5.32
CA TYR B 108 -8.53 4.89 4.21
C TYR B 108 -9.60 5.91 4.61
N LYS B 109 -9.14 7.02 5.19
CA LYS B 109 -9.93 8.22 5.34
C LYS B 109 -10.12 8.74 3.95
N GLY B 110 -11.16 9.55 3.74
CA GLY B 110 -11.27 10.31 2.51
C GLY B 110 -11.99 9.52 1.45
N MET B 111 -11.44 9.49 0.24
CA MET B 111 -12.26 9.23 -0.92
C MET B 111 -12.03 7.87 -1.55
N TYR B 112 -13.00 7.45 -2.36
CA TYR B 112 -12.93 6.23 -3.16
C TYR B 112 -12.54 4.98 -2.36
N THR B 113 -13.10 4.81 -1.17
CA THR B 113 -12.71 3.68 -0.33
C THR B 113 -13.18 2.31 -0.86
N SER B 114 -14.01 2.30 -1.89
CA SER B 114 -14.30 1.07 -2.57
CA SER B 114 -14.36 1.11 -2.65
C SER B 114 -13.28 0.77 -3.68
N ALA B 115 -12.45 1.74 -4.07
CA ALA B 115 -11.37 1.53 -5.08
C ALA B 115 -10.02 1.23 -4.42
N TRP B 116 -9.61 2.11 -3.50
CA TRP B 116 -8.26 2.09 -2.99
C TRP B 116 -7.78 0.83 -2.24
N PRO B 117 -8.58 0.31 -1.33
CA PRO B 117 -8.13 -0.94 -0.71
C PRO B 117 -7.93 -2.06 -1.74
N ILE B 118 -8.69 -1.99 -2.84
CA ILE B 118 -8.60 -3.05 -3.84
C ILE B 118 -7.35 -2.79 -4.62
N LEU B 119 -7.22 -1.57 -5.12
CA LEU B 119 -6.00 -1.22 -5.86
C LEU B 119 -4.76 -1.66 -5.11
N ASN B 120 -4.73 -1.40 -3.80
CA ASN B 120 -3.54 -1.68 -2.98
C ASN B 120 -3.35 -3.12 -2.58
N GLY B 121 -4.30 -4.00 -2.92
CA GLY B 121 -4.17 -5.40 -2.61
C GLY B 121 -4.68 -5.88 -1.27
N GLU B 122 -5.53 -5.09 -0.64
CA GLU B 122 -6.03 -5.42 0.68
C GLU B 122 -6.98 -6.61 0.58
N ASP B 123 -6.97 -7.44 1.62
CA ASP B 123 -7.92 -8.56 1.80
C ASP B 123 -9.13 -8.12 2.63
N THR B 124 -8.98 -7.03 3.38
CA THR B 124 -10.06 -6.50 4.21
C THR B 124 -10.21 -4.98 4.10
N SER B 125 -11.41 -4.53 4.49
CA SER B 125 -11.73 -3.13 4.75
C SER B 125 -12.73 -3.15 5.91
N GLY B 126 -13.69 -2.22 5.90
CA GLY B 126 -14.75 -2.23 6.90
C GLY B 126 -15.61 -0.99 6.92
N VAL B 127 -16.47 -0.86 7.92
CA VAL B 127 -17.14 0.41 8.18
C VAL B 127 -16.96 0.88 9.63
N THR B 128 -17.06 2.17 9.80
CA THR B 128 -16.71 2.81 11.07
C THR B 128 -17.70 3.90 11.42
N LEU B 129 -18.34 3.75 12.57
CA LEU B 129 -19.13 4.83 13.16
C LEU B 129 -18.26 5.70 14.05
N HIS B 130 -18.25 7.00 13.81
CA HIS B 130 -17.38 7.87 14.56
C HIS B 130 -18.00 9.22 14.74
N LYS B 131 -17.44 10.00 15.65
CA LYS B 131 -17.82 11.39 15.82
C LYS B 131 -17.23 12.22 14.71
N ILE B 132 -17.94 13.28 14.35
CA ILE B 132 -17.46 14.27 13.44
C ILE B 132 -16.74 15.32 14.25
N ASP B 133 -15.50 15.64 13.85
CA ASP B 133 -14.73 16.82 14.30
C ASP B 133 -14.35 17.53 13.04
N HIS B 134 -13.46 18.49 13.13
CA HIS B 134 -13.26 19.44 12.01
C HIS B 134 -12.67 18.77 10.78
N GLY B 135 -12.00 17.64 11.00
CA GLY B 135 -11.24 16.97 9.94
C GLY B 135 -11.99 15.85 9.24
N ILE B 136 -11.33 15.26 8.27
CA ILE B 136 -11.98 14.36 7.34
C ILE B 136 -11.88 12.94 7.83
N ASP B 137 -12.95 12.45 8.42
CA ASP B 137 -12.97 11.05 8.89
C ASP B 137 -11.96 10.80 9.98
N THR B 138 -11.74 11.87 10.77
CA THR B 138 -10.73 11.95 11.80
C THR B 138 -11.26 11.79 13.21
N GLY B 139 -12.57 11.93 13.42
CA GLY B 139 -13.05 12.04 14.80
C GLY B 139 -13.11 10.69 15.48
N ALA B 140 -13.38 10.71 16.78
CA ALA B 140 -13.34 9.50 17.62
C ALA B 140 -14.28 8.38 17.25
N ILE B 141 -13.74 7.17 17.33
CA ILE B 141 -14.42 5.98 16.87
C ILE B 141 -15.38 5.50 17.92
N ILE B 142 -16.58 5.13 17.49
CA ILE B 142 -17.61 4.60 18.37
C ILE B 142 -17.82 3.12 18.14
N ALA B 143 -17.85 2.65 16.89
CA ALA B 143 -17.92 1.24 16.59
C ALA B 143 -17.48 0.95 15.17
N GLN B 144 -17.06 -0.28 14.92
CA GLN B 144 -16.61 -0.64 13.61
C GLN B 144 -16.79 -2.10 13.34
N LYS B 145 -16.79 -2.46 12.06
CA LYS B 145 -17.00 -3.83 11.61
C LYS B 145 -16.00 -4.13 10.49
N GLU B 146 -15.18 -5.18 10.60
CA GLU B 146 -14.41 -5.70 9.42
C GLU B 146 -15.30 -6.30 8.34
N ILE B 147 -14.95 -6.00 7.10
CA ILE B 147 -15.51 -6.59 5.92
C ILE B 147 -14.35 -7.30 5.25
N ILE B 148 -14.60 -8.54 4.89
CA ILE B 148 -13.67 -9.36 4.13
C ILE B 148 -13.92 -9.04 2.66
N ILE B 149 -12.88 -8.65 1.92
CA ILE B 149 -12.97 -8.48 0.45
C ILE B 149 -12.54 -9.75 -0.29
N GLN B 150 -13.50 -10.44 -0.89
CA GLN B 150 -13.23 -11.70 -1.55
C GLN B 150 -12.35 -11.42 -2.75
N PRO B 151 -11.55 -12.41 -3.16
CA PRO B 151 -10.51 -12.09 -4.11
C PRO B 151 -11.06 -11.63 -5.43
N PHE B 152 -12.29 -12.00 -5.75
CA PHE B 152 -12.87 -11.54 -7.02
C PHE B 152 -13.95 -10.45 -6.98
N GLU B 153 -14.25 -9.95 -5.79
CA GLU B 153 -15.20 -8.85 -5.64
C GLU B 153 -14.72 -7.54 -6.27
N THR B 154 -15.62 -6.87 -6.99
CA THR B 154 -15.34 -5.58 -7.59
C THR B 154 -15.56 -4.45 -6.60
N ALA B 155 -15.23 -3.23 -7.02
CA ALA B 155 -15.51 -2.06 -6.22
C ALA B 155 -17.00 -1.91 -5.94
N LYS B 156 -17.81 -2.27 -6.91
CA LYS B 156 -19.25 -2.24 -6.72
C LYS B 156 -19.71 -3.26 -5.67
N ASP B 157 -19.17 -4.48 -5.72
CA ASP B 157 -19.45 -5.47 -4.69
C ASP B 157 -19.05 -4.92 -3.32
N LEU B 158 -17.87 -4.33 -3.23
CA LEU B 158 -17.42 -3.79 -1.98
C LEU B 158 -18.34 -2.63 -1.58
N TYR B 159 -18.73 -1.79 -2.52
CA TYR B 159 -19.56 -0.66 -2.19
C TYR B 159 -20.87 -1.13 -1.55
N GLU B 160 -21.50 -2.11 -2.17
CA GLU B 160 -22.75 -2.65 -1.67
C GLU B 160 -22.62 -3.20 -0.26
N LYS B 161 -21.51 -3.86 0.01
CA LYS B 161 -21.33 -4.42 1.33
C LYS B 161 -21.16 -3.28 2.32
N TYR B 162 -20.48 -2.20 1.90
CA TYR B 162 -20.32 -1.02 2.74
C TYR B 162 -21.71 -0.48 3.11
N ILE B 163 -22.59 -0.46 2.10
CA ILE B 163 -23.94 0.01 2.29
C ILE B 163 -24.67 -0.90 3.26
N SER B 164 -24.59 -2.22 3.03
CA SER B 164 -25.29 -3.15 3.89
C SER B 164 -24.73 -3.14 5.33
N GLU B 165 -23.43 -3.23 5.45
CA GLU B 165 -22.82 -3.32 6.78
C GLU B 165 -22.90 -2.00 7.57
N GLY B 166 -22.92 -0.86 6.89
CA GLY B 166 -23.04 0.43 7.57
C GLY B 166 -24.45 0.70 8.07
N THR B 167 -25.42 0.25 7.28
CA THR B 167 -26.81 0.20 7.69
C THR B 167 -26.95 -0.56 9.00
N SER B 168 -26.49 -1.82 9.07
CA SER B 168 -26.49 -2.56 10.37
C SER B 168 -25.80 -1.82 11.48
N LEU B 169 -24.64 -1.29 11.17
CA LEU B 169 -23.84 -0.75 12.23
C LEU B 169 -24.57 0.46 12.83
N VAL B 170 -25.20 1.30 12.02
CA VAL B 170 -26.05 2.36 12.57
C VAL B 170 -27.23 1.85 13.42
N ILE B 171 -27.97 0.94 12.86
CA ILE B 171 -29.14 0.41 13.57
C ILE B 171 -28.74 -0.19 14.92
N ASP B 172 -27.62 -0.92 14.96
CA ASP B 172 -27.19 -1.58 16.18
C ASP B 172 -26.71 -0.58 17.21
N ASN B 173 -26.58 0.70 16.85
CA ASN B 173 -25.97 1.70 17.72
C ASN B 173 -26.75 2.99 17.89
N ILE B 174 -27.82 3.17 17.12
CA ILE B 174 -28.44 4.49 17.05
C ILE B 174 -29.13 4.89 18.37
N SER B 175 -29.71 3.94 19.10
CA SER B 175 -30.34 4.26 20.42
C SER B 175 -29.34 4.94 21.32
N THR B 176 -28.14 4.36 21.43
CA THR B 176 -27.08 4.92 22.25
C THR B 176 -26.72 6.32 21.78
N LEU B 177 -26.79 6.56 20.49
CA LEU B 177 -26.55 7.92 19.97
C LEU B 177 -27.66 8.92 20.34
N LEU B 178 -28.91 8.46 20.28
CA LEU B 178 -30.05 9.24 20.76
C LEU B 178 -30.12 9.41 22.29
N ASN B 179 -29.62 8.41 23.04
CA ASN B 179 -29.60 8.49 24.52
C ASN B 179 -28.31 9.01 25.16
N SER B 180 -27.29 9.38 24.39
CA SER B 180 -25.98 9.76 24.96
C SER B 180 -25.33 8.65 25.81
N GLU B 181 -25.51 7.40 25.42
CA GLU B 181 -24.89 6.31 26.15
C GLU B 181 -23.87 5.58 25.30
N TYR B 182 -23.14 6.34 24.49
CA TYR B 182 -22.23 5.74 23.55
C TYR B 182 -20.85 5.98 24.13
N VAL B 183 -19.87 5.18 23.73
CA VAL B 183 -18.45 5.39 24.10
C VAL B 183 -17.62 5.76 22.87
N GLU B 184 -16.67 6.67 23.02
CA GLU B 184 -15.85 7.08 21.91
C GLU B 184 -14.39 6.90 22.27
N LYS B 185 -13.54 6.63 21.28
CA LYS B 185 -12.10 6.50 21.51
C LYS B 185 -11.35 7.18 20.41
N GLU B 186 -10.43 8.08 20.75
CA GLU B 186 -9.64 8.78 19.74
C GLU B 186 -8.95 7.79 18.81
N GLN B 187 -8.84 8.18 17.54
CA GLN B 187 -8.20 7.33 16.51
C GLN B 187 -6.70 7.26 16.77
N ASN B 188 -6.15 6.07 16.57
CA ASN B 188 -4.70 5.91 16.52
C ASN B 188 -3.94 6.78 15.50
N ILE B 189 -2.75 7.21 15.90
CA ILE B 189 -1.79 7.77 14.95
C ILE B 189 -1.40 6.74 13.88
N LYS B 190 -0.95 5.59 14.34
CA LYS B 190 -0.34 4.60 13.47
C LYS B 190 -1.29 3.94 12.47
N TYR B 191 -0.80 3.86 11.23
CA TYR B 191 -1.52 3.34 10.07
C TYR B 191 -2.58 4.25 9.50
N SER B 192 -2.81 5.43 10.09
CA SER B 192 -3.82 6.38 9.57
C SER B 192 -3.39 6.76 8.16
N SER B 193 -4.31 6.67 7.23
CA SER B 193 -4.04 6.95 5.84
C SER B 193 -5.23 7.68 5.24
N TYR B 194 -4.98 8.39 4.14
CA TYR B 194 -5.99 9.26 3.55
C TYR B 194 -5.74 9.44 2.04
N TYR B 195 -6.82 9.50 1.27
CA TYR B 195 -6.78 9.73 -0.16
C TYR B 195 -7.80 10.83 -0.48
N SER B 196 -7.30 12.00 -0.88
CA SER B 196 -8.11 13.08 -1.51
C SER B 196 -8.68 12.69 -2.88
N LYS B 197 -9.54 13.56 -3.38
CA LYS B 197 -10.23 13.37 -4.61
C LYS B 197 -9.28 13.42 -5.82
N LYS B 198 -8.16 14.11 -5.68
CA LYS B 198 -7.19 14.20 -6.77
C LYS B 198 -6.43 12.91 -6.98
N THR B 199 -6.50 11.97 -6.03
CA THR B 199 -5.69 10.77 -6.12
C THR B 199 -6.10 9.84 -7.25
N ILE B 200 -7.34 9.98 -7.74
CA ILE B 200 -7.85 9.26 -8.94
C ILE B 200 -8.67 10.21 -9.80
N ASP B 201 -8.36 10.30 -11.10
CA ASP B 201 -9.11 11.10 -12.06
C ASP B 201 -10.00 10.19 -12.87
N TYR B 202 -11.27 10.13 -12.45
CA TYR B 202 -12.24 9.24 -13.06
C TYR B 202 -12.75 9.67 -14.43
N SER B 203 -12.42 10.89 -14.84
CA SER B 203 -12.67 11.29 -16.22
C SER B 203 -11.52 10.86 -17.12
N ASN B 204 -10.44 10.29 -16.57
CA ASN B 204 -9.21 9.98 -17.34
C ASN B 204 -8.51 8.68 -16.93
N LEU B 205 -9.31 7.64 -16.72
CA LEU B 205 -8.79 6.38 -16.22
C LEU B 205 -7.94 5.69 -17.28
N GLU B 206 -6.84 5.09 -16.86
CA GLU B 206 -5.93 4.45 -17.79
C GLU B 206 -5.35 3.22 -17.11
N LEU B 207 -5.69 2.06 -17.63
CA LEU B 207 -5.05 0.83 -17.20
C LEU B 207 -3.52 0.90 -17.37
N ASN B 208 -2.78 0.41 -16.38
CA ASN B 208 -1.34 0.50 -16.35
C ASN B 208 -0.80 -0.91 -16.28
N PHE B 209 -0.24 -1.34 -17.40
CA PHE B 209 0.35 -2.67 -17.54
C PHE B 209 1.82 -2.78 -17.16
N SER B 210 2.49 -1.65 -16.95
CA SER B 210 3.79 -1.68 -16.32
C SER B 210 3.61 -2.03 -14.85
N LYS B 211 3.01 -3.20 -14.61
CA LYS B 211 2.61 -3.64 -13.28
C LYS B 211 2.48 -5.15 -13.32
N THR B 212 2.29 -5.75 -12.15
CA THR B 212 2.19 -7.18 -12.06
C THR B 212 0.78 -7.58 -12.37
N ALA B 213 0.60 -8.87 -12.58
CA ALA B 213 -0.69 -9.45 -12.87
C ALA B 213 -1.64 -9.16 -11.72
N PHE B 214 -1.22 -9.52 -10.53
CA PHE B 214 -1.94 -9.15 -9.34
C PHE B 214 -2.46 -7.70 -9.35
N GLU B 215 -1.56 -6.77 -9.62
CA GLU B 215 -1.88 -5.36 -9.61
C GLU B 215 -2.94 -4.97 -10.68
N ILE B 216 -2.93 -5.68 -11.79
CA ILE B 216 -3.72 -5.28 -12.95
C ILE B 216 -5.13 -5.87 -12.83
N ILE B 217 -5.21 -7.09 -12.35
CA ILE B 217 -6.51 -7.66 -11.97
C ILE B 217 -7.15 -6.71 -10.96
N ASN B 218 -6.37 -6.36 -9.95
CA ASN B 218 -6.85 -5.43 -8.91
C ASN B 218 -7.26 -4.06 -9.50
N GLN B 219 -6.53 -3.58 -10.51
CA GLN B 219 -7.00 -2.37 -11.21
C GLN B 219 -8.36 -2.65 -11.82
N LEU B 220 -8.51 -3.79 -12.51
CA LEU B 220 -9.78 -4.16 -13.10
C LEU B 220 -10.89 -4.16 -12.06
N ARG B 221 -10.68 -4.89 -10.98
CA ARG B 221 -11.70 -5.03 -9.94
C ARG B 221 -12.07 -3.64 -9.39
N ALA B 222 -11.05 -2.84 -9.08
CA ALA B 222 -11.21 -1.50 -8.54
C ALA B 222 -12.00 -0.54 -9.42
N PHE B 223 -11.94 -0.72 -10.74
CA PHE B 223 -12.63 0.23 -11.64
C PHE B 223 -13.83 -0.39 -12.31
N THR B 224 -14.22 -1.55 -11.82
CA THR B 224 -15.41 -2.24 -12.32
C THR B 224 -16.62 -1.86 -11.43
N PHE B 225 -17.35 -0.84 -11.84
CA PHE B 225 -18.49 -0.33 -11.12
C PHE B 225 -19.43 0.20 -12.20
N ARG B 226 -20.13 -0.74 -12.82
CA ARG B 226 -20.72 -0.55 -14.14
C ARG B 226 -21.46 0.77 -14.36
N GLU B 227 -22.31 1.17 -13.44
CA GLU B 227 -23.06 2.39 -13.66
C GLU B 227 -22.25 3.68 -13.49
N TYR B 228 -20.99 3.61 -13.07
CA TYR B 228 -20.04 4.70 -13.38
C TYR B 228 -19.21 4.39 -14.62
N GLN B 229 -18.57 3.22 -14.63
CA GLN B 229 -17.66 2.86 -15.69
C GLN B 229 -17.16 1.43 -15.59
N LEU B 230 -16.70 0.95 -16.73
CA LEU B 230 -15.87 -0.21 -16.78
C LEU B 230 -14.50 0.24 -17.30
N PRO B 231 -13.44 -0.51 -16.97
CA PRO B 231 -12.16 -0.26 -17.61
C PRO B 231 -12.14 -0.69 -19.09
N LYS B 232 -11.27 -0.04 -19.86
CA LYS B 232 -11.26 -0.11 -21.29
C LYS B 232 -9.85 -0.48 -21.80
N LEU B 233 -9.83 -1.25 -22.89
CA LEU B 233 -8.60 -1.49 -23.66
C LEU B 233 -8.91 -1.31 -25.13
N ASP B 234 -8.42 -0.20 -25.69
CA ASP B 234 -8.68 0.23 -27.06
C ASP B 234 -10.15 0.49 -27.24
N GLY B 235 -10.68 1.42 -26.44
CA GLY B 235 -12.11 1.69 -26.40
C GLY B 235 -13.10 0.53 -26.10
N VAL B 236 -12.60 -0.69 -25.88
CA VAL B 236 -13.44 -1.86 -25.53
C VAL B 236 -13.55 -2.00 -24.01
N ASN B 237 -14.77 -2.10 -23.53
CA ASN B 237 -15.04 -2.33 -22.12
C ASN B 237 -14.72 -3.74 -21.72
N ILE B 238 -14.25 -3.90 -20.50
CA ILE B 238 -13.70 -5.16 -20.00
C ILE B 238 -14.45 -5.51 -18.72
N PHE B 239 -14.83 -6.79 -18.60
CA PHE B 239 -15.40 -7.31 -17.35
C PHE B 239 -14.53 -8.37 -16.69
N LEU B 240 -13.61 -7.89 -15.84
CA LEU B 240 -12.63 -8.67 -15.13
C LEU B 240 -11.70 -9.49 -16.04
N GLY B 241 -10.94 -10.40 -15.43
CA GLY B 241 -10.01 -11.19 -16.16
C GLY B 241 -9.38 -12.20 -15.24
N ASP B 242 -8.30 -12.82 -15.69
CA ASP B 242 -7.61 -13.84 -14.89
C ASP B 242 -6.14 -13.81 -15.19
N VAL B 243 -5.39 -14.57 -14.41
CA VAL B 243 -3.97 -14.62 -14.50
C VAL B 243 -3.56 -15.92 -15.14
N LEU B 244 -2.71 -15.86 -16.18
CA LEU B 244 -2.27 -17.10 -16.86
C LEU B 244 -1.00 -17.59 -16.26
N SER B 245 -0.61 -18.85 -16.52
CA SER B 245 0.69 -19.38 -16.07
C SER B 245 1.89 -19.02 -16.99
N SER B 246 1.61 -18.62 -18.22
CA SER B 246 2.64 -18.15 -19.13
C SER B 246 3.15 -16.75 -18.78
N ARG B 247 4.36 -16.44 -19.23
CA ARG B 247 5.01 -15.19 -18.93
C ARG B 247 5.68 -14.66 -20.17
N SER B 248 4.92 -13.97 -21.02
CA SER B 248 5.47 -13.46 -22.25
C SER B 248 6.65 -12.56 -22.02
N ILE B 249 7.46 -12.48 -23.06
CA ILE B 249 8.77 -11.81 -23.06
C ILE B 249 8.60 -10.41 -23.58
N MET B 250 7.44 -10.15 -24.19
CA MET B 250 7.18 -8.88 -24.87
C MET B 250 6.97 -7.84 -23.79
N LYS B 251 7.12 -6.57 -24.15
CA LYS B 251 7.15 -5.58 -23.11
C LYS B 251 5.78 -5.58 -22.39
N PRO B 252 5.73 -5.12 -21.13
CA PRO B 252 4.45 -5.11 -20.47
C PRO B 252 3.45 -4.30 -21.25
N GLY B 253 2.27 -4.86 -21.47
CA GLY B 253 1.20 -4.15 -22.20
C GLY B 253 1.09 -4.50 -23.68
N SER B 254 1.84 -5.51 -24.12
CA SER B 254 1.77 -5.98 -25.50
C SER B 254 0.60 -6.98 -25.61
N ILE B 255 -0.16 -6.89 -26.69
CA ILE B 255 -1.29 -7.76 -26.90
C ILE B 255 -0.79 -9.00 -27.60
N LEU B 256 -0.89 -10.11 -26.89
CA LEU B 256 -0.39 -11.39 -27.35
C LEU B 256 -1.41 -12.11 -28.22
N GLU B 257 -2.71 -11.81 -27.96
CA GLU B 257 -3.88 -12.49 -28.52
C GLU B 257 -5.13 -11.60 -28.45
N ARG B 258 -5.95 -11.65 -29.50
CA ARG B 258 -7.24 -10.95 -29.58
C ARG B 258 -8.23 -11.96 -30.12
N ASN B 259 -9.38 -12.07 -29.46
CA ASN B 259 -10.57 -12.65 -30.08
C ASN B 259 -11.86 -11.92 -29.62
N ASP B 260 -13.02 -12.57 -29.69
CA ASP B 260 -14.27 -11.85 -29.47
C ASP B 260 -14.72 -11.95 -28.03
N LYS B 261 -14.14 -12.90 -27.31
CA LYS B 261 -14.43 -13.13 -25.91
C LYS B 261 -13.38 -12.48 -25.00
N GLU B 262 -12.14 -12.31 -25.48
CA GLU B 262 -11.02 -12.01 -24.62
C GLU B 262 -9.82 -11.38 -25.31
N ILE B 263 -8.92 -10.84 -24.47
CA ILE B 263 -7.64 -10.22 -24.87
C ILE B 263 -6.54 -10.61 -23.90
N ILE B 264 -5.42 -11.12 -24.38
CA ILE B 264 -4.36 -11.60 -23.50
C ILE B 264 -3.22 -10.60 -23.63
N VAL B 265 -2.65 -10.21 -22.50
CA VAL B 265 -1.65 -9.14 -22.48
C VAL B 265 -0.49 -9.57 -21.65
N SER B 266 0.72 -9.14 -22.02
CA SER B 266 1.95 -9.33 -21.19
C SER B 266 1.98 -8.36 -20.04
N THR B 267 2.44 -8.82 -18.89
CA THR B 267 2.64 -7.92 -17.75
C THR B 267 4.07 -8.03 -17.34
N ILE B 268 4.41 -7.36 -16.24
CA ILE B 268 5.72 -7.52 -15.59
C ILE B 268 6.04 -8.97 -15.25
N ASP B 269 5.03 -9.73 -14.83
CA ASP B 269 5.24 -11.13 -14.50
C ASP B 269 4.33 -12.02 -15.33
N TYR B 270 3.16 -12.37 -14.83
CA TYR B 270 2.38 -13.39 -15.47
C TYR B 270 1.48 -12.69 -16.45
N ASP B 271 1.15 -13.37 -17.53
CA ASP B 271 0.27 -12.87 -18.59
C ASP B 271 -1.15 -12.81 -18.04
N VAL B 272 -1.97 -11.91 -18.58
CA VAL B 272 -3.29 -11.72 -18.08
C VAL B 272 -4.34 -11.83 -19.19
N VAL B 273 -5.47 -12.48 -18.87
CA VAL B 273 -6.61 -12.51 -19.76
C VAL B 273 -7.63 -11.46 -19.36
N LEU B 274 -7.95 -10.55 -20.29
CA LEU B 274 -8.98 -9.57 -20.10
C LEU B 274 -10.25 -10.01 -20.84
N TYR B 275 -11.38 -9.97 -20.14
CA TYR B 275 -12.65 -10.45 -20.67
C TYR B 275 -13.45 -9.27 -21.17
N LYS B 276 -13.71 -9.29 -22.47
CA LYS B 276 -14.58 -8.30 -23.06
C LYS B 276 -15.91 -8.36 -22.32
N ASP B 277 -16.52 -7.21 -22.09
CA ASP B 277 -17.85 -7.19 -21.50
C ASP B 277 -18.89 -7.70 -22.50
N ASN B 278 -19.55 -8.81 -22.18
CA ASN B 278 -20.63 -9.34 -23.01
C ASN B 278 -21.97 -9.46 -22.23
N PHE B 279 -22.16 -8.56 -21.27
CA PHE B 279 -23.33 -8.59 -20.38
C PHE B 279 -24.63 -8.34 -21.15
N LYS B 280 -24.66 -7.28 -21.94
CA LYS B 280 -25.78 -7.01 -22.84
C LYS B 280 -26.21 -8.24 -23.68
N GLU B 281 -25.26 -8.80 -24.44
CA GLU B 281 -25.45 -10.10 -25.06
C GLU B 281 -26.05 -11.15 -24.09
N ILE B 282 -25.51 -11.26 -22.87
CA ILE B 282 -25.91 -12.34 -21.99
C ILE B 282 -27.31 -12.18 -21.49
N LEU B 283 -27.61 -10.95 -21.11
CA LEU B 283 -28.95 -10.58 -20.66
C LEU B 283 -30.00 -10.86 -21.75
N GLU B 284 -29.62 -10.59 -23.00
CA GLU B 284 -30.48 -10.86 -24.13
C GLU B 284 -30.69 -12.37 -24.24
N ALA B 285 -29.64 -13.15 -24.04
CA ALA B 285 -29.78 -14.62 -24.08
C ALA B 285 -30.58 -15.22 -22.94
N CYS B 286 -30.73 -14.48 -21.84
CA CYS B 286 -31.45 -14.99 -20.68
C CYS B 286 -32.96 -15.20 -20.87
N LYS B 287 -33.58 -14.45 -21.78
CA LYS B 287 -34.98 -14.62 -22.06
C LYS B 287 -35.38 -16.09 -22.32
N TYR B 288 -34.68 -16.76 -23.24
CA TYR B 288 -35.10 -18.07 -23.79
C TYR B 288 -34.07 -19.17 -23.79
N SER B 289 -32.77 -18.84 -23.69
CA SER B 289 -31.74 -19.88 -23.81
C SER B 289 -31.62 -20.64 -22.51
N ASP B 290 -31.06 -21.85 -22.63
CA ASP B 290 -30.82 -22.71 -21.48
C ASP B 290 -29.45 -22.51 -20.82
N SER B 291 -29.30 -23.15 -19.67
CA SER B 291 -28.13 -22.94 -18.84
C SER B 291 -26.86 -23.34 -19.56
N LYS B 292 -26.91 -24.39 -20.38
CA LYS B 292 -25.72 -24.88 -21.10
C LYS B 292 -25.20 -23.82 -22.05
N TYR B 293 -26.08 -23.16 -22.80
CA TYR B 293 -25.66 -22.04 -23.64
C TYR B 293 -25.11 -20.93 -22.75
N ILE B 294 -25.86 -20.53 -21.72
CA ILE B 294 -25.45 -19.36 -20.93
C ILE B 294 -24.09 -19.64 -20.28
N ALA B 295 -23.87 -20.86 -19.80
CA ALA B 295 -22.58 -21.16 -19.12
C ALA B 295 -21.35 -21.00 -20.05
N LYS B 296 -21.52 -21.22 -21.34
CA LYS B 296 -20.45 -21.05 -22.33
C LYS B 296 -20.19 -19.59 -22.65
N LEU B 297 -21.13 -18.73 -22.34
CA LEU B 297 -20.98 -17.30 -22.56
C LEU B 297 -20.26 -16.61 -21.43
N ILE B 298 -20.21 -17.26 -20.27
CA ILE B 298 -19.68 -16.68 -19.04
C ILE B 298 -18.17 -16.87 -18.93
N ARG B 299 -17.48 -15.74 -18.76
CA ARG B 299 -16.11 -15.78 -18.34
C ARG B 299 -16.10 -15.46 -16.85
N ALA B 300 -16.28 -14.20 -16.45
CA ALA B 300 -16.30 -13.88 -15.02
C ALA B 300 -17.68 -14.19 -14.45
N LYS B 301 -17.69 -15.09 -13.48
CA LYS B 301 -18.94 -15.63 -12.96
C LYS B 301 -19.88 -14.54 -12.40
N SER B 302 -19.30 -13.55 -11.73
CA SER B 302 -20.05 -12.48 -11.15
C SER B 302 -20.82 -11.61 -12.17
N ILE B 303 -20.53 -11.75 -13.47
CA ILE B 303 -21.31 -11.05 -14.48
C ILE B 303 -22.79 -11.50 -14.48
N LEU B 304 -23.07 -12.67 -13.93
CA LEU B 304 -24.47 -13.12 -13.85
C LEU B 304 -25.33 -12.28 -12.91
N PHE B 305 -24.71 -11.39 -12.12
CA PHE B 305 -25.42 -10.59 -11.14
C PHE B 305 -25.44 -9.11 -11.52
N GLU B 306 -24.85 -8.79 -12.66
CA GLU B 306 -24.87 -7.41 -13.11
C GLU B 306 -26.27 -6.96 -13.53
N LYS B 307 -26.54 -5.65 -13.52
CA LYS B 307 -27.87 -5.11 -13.88
C LYS B 307 -27.75 -4.05 -14.93
N ASN B 308 -28.75 -3.98 -15.82
CA ASN B 308 -28.83 -2.89 -16.78
C ASN B 308 -29.40 -1.64 -16.12
N ILE B 309 -29.73 -0.65 -16.94
CA ILE B 309 -30.14 0.66 -16.45
C ILE B 309 -31.47 0.61 -15.72
N TYR B 310 -32.33 -0.36 -16.09
CA TYR B 310 -33.65 -0.50 -15.45
C TYR B 310 -33.63 -1.28 -14.14
N GLY B 311 -32.49 -1.87 -13.83
CA GLY B 311 -32.41 -2.75 -12.70
C GLY B 311 -32.67 -4.19 -13.08
N TRP B 312 -32.72 -4.51 -14.39
CA TRP B 312 -32.82 -5.92 -14.83
C TRP B 312 -31.49 -6.70 -14.76
N SER B 313 -31.45 -7.69 -13.88
CA SER B 313 -30.47 -8.78 -13.89
C SER B 313 -30.93 -9.91 -14.76
N PRO B 314 -30.03 -10.87 -15.02
CA PRO B 314 -30.32 -12.15 -15.65
C PRO B 314 -31.47 -12.97 -15.04
N VAL B 315 -31.52 -13.07 -13.73
CA VAL B 315 -32.59 -13.84 -13.11
C VAL B 315 -33.95 -13.15 -13.28
N ILE B 316 -33.92 -11.82 -13.29
CA ILE B 316 -35.08 -11.03 -13.56
C ILE B 316 -35.61 -11.20 -14.99
N VAL B 317 -34.70 -11.25 -15.95
CA VAL B 317 -35.10 -11.37 -17.33
C VAL B 317 -35.62 -12.77 -17.57
N ALA B 318 -34.98 -13.72 -16.92
CA ALA B 318 -35.40 -15.09 -17.02
C ALA B 318 -36.80 -15.25 -16.45
N ALA B 319 -37.09 -14.58 -15.34
CA ALA B 319 -38.37 -14.74 -14.68
C ALA B 319 -39.48 -14.12 -15.48
N TYR B 320 -39.25 -12.90 -15.97
CA TYR B 320 -40.26 -12.25 -16.82
C TYR B 320 -40.60 -13.11 -18.06
N HIS B 321 -39.63 -13.88 -18.58
CA HIS B 321 -39.84 -14.59 -19.83
C HIS B 321 -40.18 -16.05 -19.61
N GLY B 322 -40.26 -16.43 -18.33
CA GLY B 322 -40.75 -17.74 -17.96
C GLY B 322 -39.71 -18.84 -18.02
N ASN B 323 -38.43 -18.47 -18.03
CA ASN B 323 -37.35 -19.45 -18.24
C ASN B 323 -36.90 -20.17 -16.93
N ILE B 324 -37.69 -21.17 -16.54
CA ILE B 324 -37.58 -21.79 -15.23
C ILE B 324 -36.26 -22.50 -15.05
N GLU B 325 -35.92 -23.35 -15.99
CA GLU B 325 -34.64 -24.06 -15.99
C GLU B 325 -33.48 -23.05 -15.74
N LEU B 326 -33.48 -21.93 -16.45
CA LEU B 326 -32.36 -20.98 -16.34
C LEU B 326 -32.34 -20.33 -14.97
N ILE B 327 -33.52 -20.01 -14.42
CA ILE B 327 -33.57 -19.47 -13.07
C ILE B 327 -32.91 -20.48 -12.14
N LYS B 328 -33.32 -21.74 -12.22
CA LYS B 328 -32.82 -22.79 -11.33
C LYS B 328 -31.29 -22.75 -11.24
N TRP B 329 -30.67 -22.68 -12.41
CA TRP B 329 -29.22 -22.65 -12.54
C TRP B 329 -28.60 -21.35 -12.05
N LEU B 330 -29.19 -20.23 -12.45
CA LEU B 330 -28.76 -18.91 -11.99
C LEU B 330 -28.65 -18.91 -10.47
N VAL B 331 -29.70 -19.39 -9.83
CA VAL B 331 -29.71 -19.52 -8.38
C VAL B 331 -28.65 -20.50 -7.89
N SER B 332 -28.46 -21.61 -8.58
CA SER B 332 -27.41 -22.58 -8.19
C SER B 332 -26.02 -21.94 -8.21
N LYS B 333 -25.86 -20.91 -9.03
CA LYS B 333 -24.62 -20.17 -9.11
C LYS B 333 -24.56 -18.94 -8.20
N GLY B 334 -25.57 -18.77 -7.34
CA GLY B 334 -25.53 -17.73 -6.32
C GLY B 334 -26.43 -16.53 -6.53
N ALA B 335 -27.20 -16.50 -7.63
CA ALA B 335 -28.14 -15.42 -7.89
C ALA B 335 -29.25 -15.35 -6.86
N ASN B 336 -29.70 -14.14 -6.61
CA ASN B 336 -30.72 -13.87 -5.61
C ASN B 336 -32.11 -14.17 -6.18
N ILE B 337 -32.68 -15.31 -5.77
CA ILE B 337 -34.05 -15.71 -6.13
C ILE B 337 -35.08 -14.59 -5.95
N ASN B 338 -34.87 -13.71 -4.96
CA ASN B 338 -35.73 -12.54 -4.80
C ASN B 338 -35.12 -11.21 -5.27
N ASP B 339 -34.41 -11.24 -6.39
CA ASP B 339 -33.68 -10.06 -6.84
C ASP B 339 -34.74 -8.99 -7.17
N ARG B 340 -34.37 -7.72 -7.07
CA ARG B 340 -35.29 -6.62 -7.33
C ARG B 340 -34.69 -5.68 -8.34
N ASN B 341 -35.55 -5.04 -9.13
CA ASN B 341 -35.12 -3.90 -9.91
C ASN B 341 -35.06 -2.66 -8.99
N TYR B 342 -34.88 -1.53 -9.63
CA TYR B 342 -34.67 -0.26 -8.96
C TYR B 342 -35.95 0.41 -8.45
N LYS B 343 -37.10 -0.21 -8.73
CA LYS B 343 -38.38 0.24 -8.16
C LYS B 343 -38.83 -0.73 -7.08
N GLY B 344 -38.01 -1.70 -6.73
CA GLY B 344 -38.38 -2.70 -5.70
C GLY B 344 -39.06 -3.96 -6.25
N THR B 345 -39.37 -3.95 -7.56
CA THR B 345 -40.10 -5.04 -8.21
C THR B 345 -39.27 -6.33 -8.18
N THR B 346 -39.87 -7.40 -7.65
CA THR B 346 -39.17 -8.64 -7.38
C THR B 346 -39.32 -9.67 -8.49
N VAL B 347 -38.46 -10.67 -8.45
CA VAL B 347 -38.56 -11.81 -9.32
C VAL B 347 -40.00 -12.29 -9.29
N ALA B 348 -40.61 -12.43 -8.11
CA ALA B 348 -41.93 -13.04 -8.08
C ALA B 348 -42.89 -12.23 -8.87
N MET B 349 -42.78 -10.92 -8.79
CA MET B 349 -43.64 -10.02 -9.51
C MET B 349 -43.47 -10.07 -11.03
N TYR B 350 -42.25 -10.36 -11.51
CA TYR B 350 -42.04 -10.53 -12.94
C TYR B 350 -42.62 -11.89 -13.36
N PHE B 351 -42.33 -12.93 -12.59
CA PHE B 351 -42.83 -14.27 -12.90
C PHE B 351 -44.35 -14.36 -12.89
N LYS B 352 -45.02 -13.59 -12.03
CA LYS B 352 -46.49 -13.57 -12.09
C LYS B 352 -46.91 -13.09 -13.47
N ASP B 353 -46.22 -12.06 -13.98
CA ASP B 353 -46.59 -11.47 -15.25
C ASP B 353 -46.58 -12.50 -16.36
N TYR B 354 -45.57 -13.34 -16.32
CA TYR B 354 -45.46 -14.44 -17.21
C TYR B 354 -46.54 -15.47 -17.03
N MET B 355 -46.81 -15.84 -15.78
CA MET B 355 -47.85 -16.87 -15.52
C MET B 355 -49.18 -16.38 -16.12
N LEU B 356 -49.54 -15.15 -15.75
CA LEU B 356 -50.67 -14.44 -16.35
C LEU B 356 -50.77 -14.57 -17.86
N LYS B 357 -49.74 -14.14 -18.58
CA LYS B 357 -49.83 -14.01 -20.03
C LYS B 357 -49.72 -15.32 -20.77
N SER B 358 -48.91 -16.24 -20.25
CA SER B 358 -48.77 -17.57 -20.87
C SER B 358 -49.94 -18.51 -20.54
N GLY B 359 -50.44 -18.44 -19.30
CA GLY B 359 -51.35 -19.45 -18.77
C GLY B 359 -50.62 -20.65 -18.20
N ASP B 360 -49.30 -20.71 -18.38
CA ASP B 360 -48.47 -21.75 -17.79
C ASP B 360 -48.10 -21.33 -16.34
N TYR B 361 -48.68 -22.03 -15.36
CA TYR B 361 -48.49 -21.78 -13.93
C TYR B 361 -47.46 -22.76 -13.36
N SER B 362 -46.84 -23.54 -14.22
CA SER B 362 -46.22 -24.78 -13.77
C SER B 362 -44.96 -24.60 -12.88
N GLY B 363 -44.12 -23.60 -13.15
CA GLY B 363 -42.83 -23.52 -12.45
C GLY B 363 -42.84 -23.12 -10.98
N LEU B 364 -43.98 -22.71 -10.47
CA LEU B 364 -43.98 -21.90 -9.27
C LEU B 364 -43.49 -22.70 -8.06
N LYS B 365 -43.93 -23.95 -7.93
CA LYS B 365 -43.61 -24.75 -6.74
C LYS B 365 -42.12 -24.83 -6.51
N MET B 366 -41.39 -25.27 -7.52
CA MET B 366 -39.95 -25.39 -7.46
C MET B 366 -39.36 -24.04 -7.05
N LEU B 367 -39.71 -22.95 -7.74
CA LEU B 367 -39.17 -21.61 -7.40
C LEU B 367 -39.30 -21.29 -5.93
N ILE B 368 -40.42 -21.66 -5.34
CA ILE B 368 -40.72 -21.38 -3.93
C ILE B 368 -39.82 -22.23 -3.04
N ASP B 369 -39.59 -23.48 -3.41
CA ASP B 369 -38.65 -24.32 -2.69
C ASP B 369 -37.22 -23.79 -2.77
N LEU B 370 -36.90 -23.14 -3.87
CA LEU B 370 -35.62 -22.45 -4.01
C LEU B 370 -35.55 -21.12 -3.28
N GLY B 371 -36.68 -20.61 -2.81
CA GLY B 371 -36.68 -19.46 -1.95
C GLY B 371 -37.62 -18.35 -2.32
N LEU B 372 -38.31 -18.42 -3.45
CA LEU B 372 -39.17 -17.29 -3.87
C LEU B 372 -40.11 -16.91 -2.71
N ASP B 373 -40.03 -15.62 -2.37
CA ASP B 373 -40.79 -15.01 -1.27
C ASP B 373 -41.89 -14.12 -1.84
N LEU B 374 -43.15 -14.57 -1.72
CA LEU B 374 -44.30 -13.85 -2.29
C LEU B 374 -44.79 -12.71 -1.44
N THR B 375 -44.23 -12.62 -0.22
CA THR B 375 -44.63 -11.62 0.76
C THR B 375 -43.93 -10.29 0.62
N LEU B 376 -42.93 -10.18 -0.28
CA LEU B 376 -42.12 -8.96 -0.33
C LEU B 376 -42.93 -7.89 -0.98
N THR B 377 -42.59 -6.63 -0.66
CA THR B 377 -43.25 -5.47 -1.23
C THR B 377 -42.26 -4.63 -2.05
N ASP B 378 -42.77 -4.01 -3.09
CA ASP B 378 -41.95 -3.16 -3.88
C ASP B 378 -41.86 -1.85 -3.13
N TYR B 379 -41.37 -0.79 -3.79
CA TYR B 379 -41.24 0.54 -3.13
C TYR B 379 -42.55 1.38 -3.15
N LYS B 380 -43.65 0.73 -3.50
CA LYS B 380 -44.97 1.32 -3.33
C LYS B 380 -45.74 0.53 -2.29
N ASP B 381 -45.10 -0.42 -1.62
CA ASP B 381 -45.71 -1.25 -0.60
C ASP B 381 -46.77 -2.23 -1.12
N TYR B 382 -46.60 -2.64 -2.38
CA TYR B 382 -47.45 -3.60 -3.04
C TYR B 382 -46.75 -4.93 -3.03
N THR B 383 -47.47 -5.96 -2.61
CA THR B 383 -47.05 -7.31 -2.87
C THR B 383 -47.62 -7.76 -4.24
N VAL B 384 -47.16 -8.93 -4.66
CA VAL B 384 -47.67 -9.59 -5.85
C VAL B 384 -49.17 -9.80 -5.73
N PHE B 385 -49.62 -10.11 -4.53
CA PHE B 385 -51.03 -10.30 -4.27
C PHE B 385 -51.85 -9.02 -4.42
N ASP B 386 -51.31 -7.89 -3.98
CA ASP B 386 -52.02 -6.60 -4.11
C ASP B 386 -52.30 -6.30 -5.60
N TYR B 387 -51.30 -6.50 -6.45
CA TYR B 387 -51.45 -6.33 -7.90
C TYR B 387 -52.53 -7.27 -8.45
N LEU B 388 -52.46 -8.56 -8.13
CA LEU B 388 -53.45 -9.49 -8.61
C LEU B 388 -54.83 -9.11 -8.15
N GLU B 389 -54.94 -8.61 -6.92
CA GLU B 389 -56.23 -8.21 -6.38
C GLU B 389 -56.88 -7.08 -7.16
N LYS B 390 -56.07 -6.07 -7.46
CA LYS B 390 -56.47 -4.91 -8.28
C LYS B 390 -56.89 -5.36 -9.70
N SER B 391 -56.05 -6.22 -10.27
CA SER B 391 -56.22 -6.84 -11.57
C SER B 391 -57.56 -7.59 -11.75
N GLY B 392 -58.14 -8.09 -10.66
CA GLY B 392 -59.30 -8.99 -10.69
C GLY B 392 -58.92 -10.45 -10.94
N ASN B 393 -57.62 -10.72 -10.97
CA ASN B 393 -57.17 -12.05 -11.25
C ASN B 393 -57.36 -13.01 -10.08
N LYS B 394 -58.60 -13.40 -9.83
CA LYS B 394 -58.94 -14.24 -8.68
C LYS B 394 -58.30 -15.60 -8.71
N ASN B 395 -58.23 -16.20 -9.89
CA ASN B 395 -57.72 -17.58 -10.03
C ASN B 395 -56.21 -17.70 -9.78
N LEU B 396 -55.46 -16.72 -10.30
CA LEU B 396 -54.03 -16.67 -10.11
C LEU B 396 -53.73 -16.25 -8.69
N LEU B 397 -54.52 -15.33 -8.13
CA LEU B 397 -54.43 -15.00 -6.71
C LEU B 397 -54.50 -16.25 -5.82
N GLN B 398 -55.57 -17.02 -6.02
CA GLN B 398 -55.80 -18.24 -5.26
C GLN B 398 -54.67 -19.24 -5.47
N TYR B 399 -54.31 -19.46 -6.72
CA TYR B 399 -53.30 -20.41 -7.06
C TYR B 399 -51.94 -20.04 -6.43
N MET B 400 -51.53 -18.78 -6.52
CA MET B 400 -50.23 -18.41 -5.94
C MET B 400 -50.26 -18.51 -4.39
N MET B 401 -51.43 -18.27 -3.80
CA MET B 401 -51.57 -18.32 -2.35
C MET B 401 -51.48 -19.72 -1.80
N ALA B 402 -51.86 -20.68 -2.63
CA ALA B 402 -51.73 -22.07 -2.27
C ALA B 402 -50.29 -22.52 -2.05
N PHE B 403 -49.33 -21.80 -2.65
CA PHE B 403 -47.92 -22.18 -2.62
C PHE B 403 -47.03 -21.49 -1.58
N MET B 404 -47.50 -20.34 -1.08
CA MET B 404 -46.90 -19.66 0.08
C MET B 404 -46.58 -20.59 1.24
N LYS B 405 -45.38 -20.44 1.80
CA LYS B 405 -44.88 -21.20 2.97
C LYS B 405 -44.30 -20.32 4.07
#